data_1SKR
#
_entry.id   1SKR
#
_cell.length_a   105.506
_cell.length_b   214.020
_cell.length_c   52.036
_cell.angle_alpha   90.00
_cell.angle_beta   90.00
_cell.angle_gamma   90.00
#
_symmetry.space_group_name_H-M   'P 21 21 2'
#
loop_
_entity.id
_entity.type
_entity.pdbx_description
1 polymer "5'-D(*CP*GP*AP*AP*AP*AP*CP*GP*AP*C*GP*GP*CP*CP*AP*GP*TP*GP*CP*CP*AP*(2DA))-3'"
2 polymer "5'-D(*CP*CP*CP*TP*TP*TP*GP*GP*CP*AP*CP*TP*GP*GP*CP*CP*GP*TP*CP*GP*TP*TP*TP*TP*CP*G)-3'"
3 polymer 'DNA polymerase'
4 polymer 'Thioredoxin 1'
5 non-polymer 'MAGNESIUM ION'
6 non-polymer "2',3'-DIDEOXYADENOSINE-5'-TRIPHOSPHATE"
7 water water
#
loop_
_entity_poly.entity_id
_entity_poly.type
_entity_poly.pdbx_seq_one_letter_code
_entity_poly.pdbx_strand_id
1 'polydeoxyribonucleotide'
;(DC)(DG)(DA)(DA)(DA)(DA)(DC)(DG)(DA)(DC)(DG)(DG)(DC)(DC)(DA)(DG)(DT)(DG)(DC)(DC)
(DA)(2DA)
;
P
2 'polydeoxyribonucleotide'
;(DC)(DC)(DC)(DT)(DT)(DT)(DG)(DG)(DC)(DA)(DC)(DT)(DG)(DG)(DC)(DC)(DG)(DT)(DC)(DG)
(DT)(DT)(DT)(DT)(DC)(DG)
;
T
3 'polypeptide(L)'
;MIVSDIEANALLESVTKFHCGVIYDYSTAEYVSYRPSDFGAYLDALEAEVARGGLIVFHNGHKYDVPALTKLAKLQLNRE
FHLPRENCIDTLVLSRLIHSNLKDTDMGLLRSGKLPGALEAWGYRLGEMKGEYKDDFKRMLEEQGEEYVDGMEWWNFNEE
MMDYNVQDVVVTKALLEKLLSDKHYFPPEIDFTDVGYTTFWSESLEAVDIEHRAAWLLAKQERNGFPFDTKAIEELYVEL
AARRSELLRKLTETFGSWYQPKGGTEMFCHPRTGKPLPKYPRIKTPKVGGIFKKPKNKAQREGREPCELDTREYVAGAPY
TPVEHVVFNPSSRDHIQKKLQEAGWVPTKYTDKGAPVVDDEVLEGVRVDDPEKQAAIDLIKEYLMIQKRIGQSAEGDKAW
LRYVAEDGKIHGSVNPNGAVTGRATHAFPNLAQIPGVRSPYGEQCRAAFGAEHHLDGITGKPWVQAGIDASGLELRCLAH
FMARFDNGEYAHEILNGDIHTKNQIAAELPTRDNAKTFIYGFLYGAGDEKIGQIVGAGKERGKELKKKFLENTPAIAALR
ESIQQTLVESSQWVAGEQQVKWKRRWIKGLDGRKVHVRSPHAALNTLLQSAGALICKLWIIKTEEMLVEKGLKHGWDGDF
AYMAWVHDEIQVGCRTEEIAQVVIETAQEAMRWVGDHWNFRCLLDTEGKMGPNWAICH
;
A
4 'polypeptide(L)'
;SDKIIHLTDDSFDTDVLKADGAILVDFWAEWCGPCKMIAPILDEIADEYQGKLTVAKLNIDQNPGTAPKYGIRGIPTLLL
FKNGEVAATKVGALSKGQLKEFLDANLA
;
B
#
loop_
_chem_comp.id
_chem_comp.type
_chem_comp.name
_chem_comp.formula
2DA DNA linking 2',3'-DIDEOXYADENOSINE-5'-MONOPHOSPHATE 'C10 H14 N5 O5 P'
DA DNA linking 2'-DEOXYADENOSINE-5'-MONOPHOSPHATE 'C10 H14 N5 O6 P'
DAD non-polymer 2',3'-DIDEOXYADENOSINE-5'-TRIPHOSPHATE 'C10 H16 N5 O11 P3'
DC DNA linking 2'-DEOXYCYTIDINE-5'-MONOPHOSPHATE 'C9 H14 N3 O7 P'
DG DNA linking 2'-DEOXYGUANOSINE-5'-MONOPHOSPHATE 'C10 H14 N5 O7 P'
DT DNA linking THYMIDINE-5'-MONOPHOSPHATE 'C10 H15 N2 O8 P'
MG non-polymer 'MAGNESIUM ION' 'Mg 2'
#
# COMPACT_ATOMS: atom_id res chain seq x y z
P 2DA A 22 -9.88 -8.75 8.34
OP1 2DA A 22 -11.09 -9.44 7.81
OP2 2DA A 22 -9.92 -8.10 9.66
O5' 2DA A 22 -8.68 -9.80 8.33
C5' 2DA A 22 -8.45 -10.65 7.21
C4' 2DA A 22 -7.21 -11.51 7.42
O4' 2DA A 22 -6.02 -10.66 7.40
C3' 2DA A 22 -7.12 -12.26 8.74
C2' 2DA A 22 -5.62 -12.47 8.91
C1' 2DA A 22 -5.05 -11.19 8.30
N9 2DA A 22 -4.76 -10.15 9.29
C8 2DA A 22 -5.61 -9.20 9.80
N7 2DA A 22 -5.04 -8.42 10.70
C5 2DA A 22 -3.75 -8.89 10.79
C6 2DA A 22 -2.65 -8.49 11.57
N6 2DA A 22 -2.69 -7.50 12.46
N1 2DA A 22 -1.49 -9.16 11.40
C2 2DA A 22 -1.44 -10.16 10.53
N3 2DA A 22 -2.41 -10.64 9.74
C4 2DA A 22 -3.55 -9.95 9.92
N MET C 1 11.95 -32.44 -21.56
CA MET C 1 11.76 -31.10 -20.95
C MET C 1 12.20 -29.97 -21.86
N ILE C 2 11.33 -28.96 -22.00
CA ILE C 2 11.65 -27.79 -22.80
C ILE C 2 11.46 -26.51 -22.00
N VAL C 3 12.14 -25.46 -22.44
CA VAL C 3 12.06 -24.16 -21.80
C VAL C 3 11.51 -23.24 -22.89
N SER C 4 10.51 -22.42 -22.55
CA SER C 4 9.92 -21.53 -23.56
C SER C 4 9.51 -20.16 -23.04
N ASP C 5 9.13 -19.29 -23.97
CA ASP C 5 8.71 -17.92 -23.66
C ASP C 5 8.08 -17.35 -24.93
N ILE C 6 7.15 -16.43 -24.78
CA ILE C 6 6.53 -15.82 -25.95
C ILE C 6 6.53 -14.30 -25.86
N GLU C 7 6.27 -13.64 -26.98
CA GLU C 7 6.19 -12.20 -27.01
C GLU C 7 4.84 -11.91 -27.67
N ALA C 8 4.03 -11.06 -27.05
CA ALA C 8 2.71 -10.75 -27.60
C ALA C 8 2.45 -9.24 -27.56
N ASN C 9 1.36 -8.81 -28.20
CA ASN C 9 1.04 -7.39 -28.29
C ASN C 9 0.52 -6.63 -27.07
N ALA C 10 0.17 -7.32 -25.99
CA ALA C 10 -0.34 -6.62 -24.80
C ALA C 10 -0.49 -7.52 -23.57
N LEU C 11 -0.91 -6.93 -22.45
CA LEU C 11 -1.14 -7.69 -21.23
C LEU C 11 -2.28 -8.66 -21.52
N LEU C 12 -2.38 -9.71 -20.71
CA LEU C 12 -3.39 -10.75 -20.87
C LEU C 12 -4.80 -10.26 -21.14
N GLU C 13 -5.22 -9.22 -20.40
CA GLU C 13 -6.56 -8.67 -20.52
C GLU C 13 -6.96 -8.25 -21.94
N SER C 14 -6.03 -7.69 -22.70
CA SER C 14 -6.37 -7.24 -24.03
C SER C 14 -5.48 -7.80 -25.14
N VAL C 15 -4.68 -8.82 -24.83
CA VAL C 15 -3.79 -9.37 -25.84
C VAL C 15 -4.59 -9.93 -27.01
N THR C 16 -4.13 -9.65 -28.22
CA THR C 16 -4.81 -10.12 -29.43
C THR C 16 -3.86 -10.69 -30.48
N LYS C 17 -2.56 -10.57 -30.27
CA LYS C 17 -1.61 -11.07 -31.25
C LYS C 17 -0.38 -11.74 -30.68
N PHE C 18 0.01 -12.85 -31.31
CA PHE C 18 1.19 -13.60 -30.95
C PHE C 18 2.24 -13.02 -31.90
N HIS C 19 3.32 -12.48 -31.33
CA HIS C 19 4.39 -11.93 -32.18
C HIS C 19 5.42 -13.03 -32.46
N CYS C 20 5.93 -13.65 -31.41
CA CYS C 20 6.92 -14.73 -31.55
C CYS C 20 7.08 -15.57 -30.28
N GLY C 21 7.82 -16.67 -30.43
CA GLY C 21 8.10 -17.57 -29.32
C GLY C 21 9.38 -18.33 -29.55
N VAL C 22 10.01 -18.79 -28.47
CA VAL C 22 11.26 -19.55 -28.55
C VAL C 22 11.17 -20.81 -27.69
N ILE C 23 11.73 -21.90 -28.19
CA ILE C 23 11.72 -23.18 -27.48
C ILE C 23 13.08 -23.83 -27.43
N TYR C 24 13.58 -24.08 -26.23
CA TYR C 24 14.85 -24.78 -26.08
C TYR C 24 14.47 -26.19 -25.65
N ASP C 25 14.94 -27.19 -26.38
CA ASP C 25 14.63 -28.57 -26.07
C ASP C 25 15.87 -29.27 -25.49
N TYR C 26 15.76 -29.78 -24.27
CA TYR C 26 16.87 -30.47 -23.62
C TYR C 26 17.35 -31.73 -24.34
N SER C 27 16.44 -32.45 -24.98
CA SER C 27 16.83 -33.66 -25.68
C SER C 27 17.66 -33.41 -26.95
N THR C 28 17.45 -32.25 -27.57
CA THR C 28 18.20 -31.91 -28.79
C THR C 28 19.26 -30.86 -28.45
N ALA C 29 19.01 -30.12 -27.38
CA ALA C 29 19.90 -29.06 -26.91
C ALA C 29 19.95 -27.88 -27.89
N GLU C 30 18.86 -27.63 -28.59
CA GLU C 30 18.84 -26.52 -29.54
C GLU C 30 17.69 -25.54 -29.29
N TYR C 31 17.89 -24.31 -29.73
CA TYR C 31 16.88 -23.26 -29.63
C TYR C 31 16.21 -23.13 -30.99
N VAL C 32 14.89 -23.03 -31.02
CA VAL C 32 14.13 -22.88 -32.26
C VAL C 32 13.21 -21.67 -32.14
N SER C 33 13.32 -20.75 -33.09
CA SER C 33 12.49 -19.55 -33.09
C SER C 33 11.23 -19.71 -33.90
N TYR C 34 10.16 -19.07 -33.45
CA TYR C 34 8.88 -19.12 -34.13
C TYR C 34 8.38 -17.70 -34.32
N ARG C 35 8.32 -17.25 -35.58
CA ARG C 35 7.88 -15.89 -35.87
C ARG C 35 6.36 -15.85 -36.04
N PRO C 36 5.78 -14.66 -36.29
CA PRO C 36 4.34 -14.51 -36.45
C PRO C 36 3.56 -15.63 -37.15
N SER C 37 4.03 -16.06 -38.32
CA SER C 37 3.33 -17.10 -39.04
C SER C 37 3.64 -18.52 -38.56
N ASP C 38 4.49 -18.65 -37.54
CA ASP C 38 4.84 -19.97 -37.02
C ASP C 38 4.03 -20.33 -35.77
N PHE C 39 3.06 -19.49 -35.44
CA PHE C 39 2.25 -19.69 -34.25
C PHE C 39 1.65 -21.10 -34.15
N GLY C 40 1.09 -21.60 -35.23
CA GLY C 40 0.51 -22.92 -35.19
C GLY C 40 1.56 -23.96 -34.84
N ALA C 41 2.72 -23.83 -35.49
CA ALA C 41 3.82 -24.74 -35.26
C ALA C 41 4.29 -24.65 -33.81
N TYR C 42 4.37 -23.42 -33.30
CA TYR C 42 4.78 -23.21 -31.92
C TYR C 42 3.90 -24.03 -30.97
N LEU C 43 2.60 -23.93 -31.16
CA LEU C 43 1.65 -24.66 -30.35
C LEU C 43 1.85 -26.18 -30.47
N ASP C 44 2.02 -26.66 -31.70
CA ASP C 44 2.21 -28.10 -31.89
C ASP C 44 3.40 -28.61 -31.10
N ALA C 45 4.48 -27.84 -31.09
CA ALA C 45 5.69 -28.23 -30.36
C ALA C 45 5.38 -28.39 -28.87
N LEU C 46 4.59 -27.47 -28.32
CA LEU C 46 4.23 -27.55 -26.91
C LEU C 46 3.35 -28.77 -26.63
N GLU C 47 2.36 -29.01 -27.48
CA GLU C 47 1.49 -30.18 -27.27
C GLU C 47 2.26 -31.49 -27.46
N ALA C 48 3.27 -31.49 -28.33
CA ALA C 48 4.06 -32.70 -28.55
C ALA C 48 4.75 -33.09 -27.24
N GLU C 49 5.37 -32.12 -26.59
CA GLU C 49 6.04 -32.35 -25.31
C GLU C 49 5.03 -32.92 -24.32
N VAL C 50 3.80 -32.42 -24.37
CA VAL C 50 2.75 -32.93 -23.47
C VAL C 50 2.48 -34.40 -23.82
N ALA C 51 2.46 -34.72 -25.11
CA ALA C 51 2.21 -36.10 -25.55
C ALA C 51 3.26 -37.09 -25.06
N ARG C 52 4.48 -36.62 -24.78
CA ARG C 52 5.54 -37.49 -24.28
C ARG C 52 5.52 -37.65 -22.77
N GLY C 53 4.64 -36.91 -22.09
CA GLY C 53 4.60 -36.98 -20.65
C GLY C 53 5.72 -36.09 -20.15
N GLY C 54 6.09 -35.11 -20.98
CA GLY C 54 7.16 -34.19 -20.67
C GLY C 54 6.81 -32.97 -19.82
N LEU C 55 7.67 -31.96 -19.91
CA LEU C 55 7.49 -30.73 -19.13
C LEU C 55 7.86 -29.47 -19.90
N ILE C 56 7.13 -28.39 -19.62
CA ILE C 56 7.36 -27.11 -20.26
C ILE C 56 7.65 -26.06 -19.20
N VAL C 57 8.83 -25.47 -19.27
CA VAL C 57 9.21 -24.44 -18.30
C VAL C 57 9.04 -23.02 -18.84
N PHE C 58 8.31 -22.20 -18.09
CA PHE C 58 8.08 -20.81 -18.42
C PHE C 58 8.49 -20.01 -17.19
N HIS C 59 8.79 -18.73 -17.39
CA HIS C 59 9.08 -17.86 -16.26
C HIS C 59 7.82 -17.00 -16.22
N ASN C 60 6.96 -17.23 -15.22
CA ASN C 60 5.69 -16.51 -15.07
C ASN C 60 4.67 -16.96 -16.12
N GLY C 61 4.84 -18.19 -16.61
CA GLY C 61 3.91 -18.72 -17.59
C GLY C 61 2.56 -19.04 -16.99
N HIS C 62 2.54 -19.38 -15.71
CA HIS C 62 1.28 -19.70 -15.03
C HIS C 62 0.27 -18.56 -15.09
N LYS C 63 0.75 -17.33 -14.94
CA LYS C 63 -0.14 -16.18 -14.99
C LYS C 63 -0.24 -15.56 -16.37
N TYR C 64 0.83 -15.62 -17.16
CA TYR C 64 0.75 -15.00 -18.48
C TYR C 64 0.76 -15.92 -19.71
N ASP C 65 1.91 -16.51 -20.04
CA ASP C 65 2.03 -17.35 -21.22
C ASP C 65 0.98 -18.43 -21.49
N VAL C 66 0.72 -19.29 -20.51
CA VAL C 66 -0.24 -20.37 -20.65
C VAL C 66 -1.65 -19.87 -20.94
N PRO C 67 -2.20 -18.99 -20.09
CA PRO C 67 -3.55 -18.51 -20.39
C PRO C 67 -3.58 -17.60 -21.63
N ALA C 68 -2.46 -16.94 -21.92
CA ALA C 68 -2.41 -16.08 -23.09
C ALA C 68 -2.44 -16.95 -24.35
N LEU C 69 -1.73 -18.08 -24.32
CA LEU C 69 -1.70 -18.97 -25.47
C LEU C 69 -3.08 -19.57 -25.73
N THR C 70 -3.80 -19.90 -24.67
CA THR C 70 -5.16 -20.43 -24.82
C THR C 70 -6.04 -19.40 -25.49
N LYS C 71 -5.91 -18.15 -25.07
CA LYS C 71 -6.70 -17.06 -25.62
C LYS C 71 -6.34 -16.74 -27.08
N LEU C 72 -5.05 -16.61 -27.35
CA LEU C 72 -4.58 -16.31 -28.70
C LEU C 72 -4.84 -17.46 -29.68
N ALA C 73 -4.85 -18.70 -29.18
CA ALA C 73 -5.09 -19.84 -30.06
C ALA C 73 -6.52 -19.80 -30.57
N LYS C 74 -7.45 -19.36 -29.73
CA LYS C 74 -8.84 -19.28 -30.11
C LYS C 74 -9.07 -18.12 -31.07
N LEU C 75 -8.56 -16.95 -30.70
CA LEU C 75 -8.72 -15.75 -31.52
C LEU C 75 -8.05 -15.82 -32.89
N GLN C 76 -6.76 -16.16 -32.92
CA GLN C 76 -6.03 -16.21 -34.18
C GLN C 76 -6.21 -17.43 -35.07
N LEU C 77 -6.27 -18.61 -34.48
CA LEU C 77 -6.41 -19.84 -35.26
C LEU C 77 -7.69 -20.60 -34.99
N ASN C 78 -8.50 -20.07 -34.09
CA ASN C 78 -9.75 -20.72 -33.73
C ASN C 78 -9.44 -22.16 -33.28
N ARG C 79 -8.38 -22.31 -32.49
CA ARG C 79 -7.96 -23.61 -31.97
C ARG C 79 -8.19 -23.68 -30.46
N GLU C 80 -8.43 -24.90 -29.98
CA GLU C 80 -8.60 -25.12 -28.55
C GLU C 80 -7.23 -25.56 -28.03
N PHE C 81 -6.62 -24.73 -27.18
CA PHE C 81 -5.29 -25.00 -26.64
C PHE C 81 -5.36 -24.86 -25.11
N HIS C 82 -5.00 -25.92 -24.41
CA HIS C 82 -5.07 -25.94 -22.95
C HIS C 82 -3.98 -26.82 -22.37
N LEU C 83 -2.84 -26.24 -22.05
CA LEU C 83 -1.75 -27.02 -21.46
C LEU C 83 -2.15 -27.51 -20.08
N PRO C 84 -1.93 -28.80 -19.79
CA PRO C 84 -2.32 -29.30 -18.46
C PRO C 84 -1.39 -28.75 -17.36
N ARG C 85 -1.97 -28.43 -16.22
CA ARG C 85 -1.22 -27.91 -15.08
C ARG C 85 -0.04 -28.81 -14.71
N GLU C 86 -0.24 -30.12 -14.73
CA GLU C 86 0.83 -31.04 -14.36
C GLU C 86 2.03 -31.05 -15.30
N ASN C 87 1.90 -30.46 -16.48
CA ASN C 87 3.03 -30.43 -17.41
C ASN C 87 3.82 -29.13 -17.38
N CYS C 88 3.37 -28.16 -16.57
CA CYS C 88 4.05 -26.86 -16.54
C CYS C 88 4.85 -26.53 -15.29
N ILE C 89 5.99 -25.90 -15.52
CA ILE C 89 6.87 -25.46 -14.45
C ILE C 89 7.02 -23.95 -14.59
N ASP C 90 7.15 -23.25 -13.49
CA ASP C 90 7.28 -21.79 -13.55
C ASP C 90 8.47 -21.34 -12.70
N THR C 91 9.52 -20.85 -13.35
CA THR C 91 10.70 -20.40 -12.62
C THR C 91 10.41 -19.26 -11.66
N LEU C 92 9.41 -18.44 -11.94
CA LEU C 92 9.10 -17.34 -11.02
C LEU C 92 8.54 -17.94 -9.73
N VAL C 93 7.63 -18.90 -9.86
CA VAL C 93 7.02 -19.57 -8.73
C VAL C 93 8.12 -20.27 -7.92
N LEU C 94 9.03 -20.94 -8.63
CA LEU C 94 10.12 -21.64 -7.99
C LEU C 94 11.09 -20.70 -7.25
N SER C 95 11.45 -19.57 -7.85
CA SER C 95 12.38 -18.67 -7.17
C SER C 95 11.73 -18.03 -5.96
N ARG C 96 10.42 -17.85 -6.02
CA ARG C 96 9.69 -17.25 -4.90
C ARG C 96 9.62 -18.23 -3.74
N LEU C 97 9.82 -19.52 -4.05
CA LEU C 97 9.82 -20.55 -3.01
C LEU C 97 11.22 -20.70 -2.46
N ILE C 98 12.20 -20.85 -3.36
CA ILE C 98 13.59 -21.01 -2.96
C ILE C 98 14.16 -19.79 -2.23
N HIS C 99 14.01 -18.62 -2.85
CA HIS C 99 14.49 -17.36 -2.28
C HIS C 99 13.34 -16.55 -1.68
N SER C 100 12.54 -17.20 -0.84
CA SER C 100 11.39 -16.56 -0.22
C SER C 100 11.77 -15.39 0.70
N ASN C 101 13.05 -15.29 1.01
CA ASN C 101 13.55 -14.22 1.87
C ASN C 101 13.84 -12.94 1.07
N LEU C 102 13.77 -13.04 -0.26
CA LEU C 102 14.03 -11.87 -1.11
C LEU C 102 12.76 -11.30 -1.75
N LYS C 103 12.84 -10.04 -2.15
CA LYS C 103 11.73 -9.35 -2.82
C LYS C 103 11.98 -9.46 -4.32
N ASP C 104 10.99 -9.05 -5.12
CA ASP C 104 11.13 -9.04 -6.57
C ASP C 104 10.20 -7.95 -7.09
N THR C 105 10.44 -7.51 -8.33
CA THR C 105 9.65 -6.43 -8.93
C THR C 105 8.30 -6.86 -9.51
N ASP C 106 7.89 -8.09 -9.20
CA ASP C 106 6.62 -8.63 -9.69
C ASP C 106 6.53 -8.37 -11.20
N MET C 107 7.58 -8.81 -11.90
CA MET C 107 7.71 -8.66 -13.34
C MET C 107 7.68 -7.19 -13.79
N GLY C 108 8.43 -6.36 -13.07
CA GLY C 108 8.51 -4.96 -13.42
C GLY C 108 7.32 -4.09 -13.07
N LEU C 109 6.36 -4.62 -12.31
CA LEU C 109 5.20 -3.83 -11.92
C LEU C 109 5.57 -2.91 -10.77
N LEU C 110 6.66 -3.25 -10.09
CA LEU C 110 7.15 -2.46 -8.97
C LEU C 110 8.51 -1.88 -9.34
N ARG C 111 8.77 -0.68 -8.83
CA ARG C 111 10.02 0.03 -9.07
C ARG C 111 11.08 -0.69 -8.23
N SER C 112 12.07 -1.28 -8.90
CA SER C 112 13.14 -2.01 -8.20
C SER C 112 13.89 -1.18 -7.16
N GLY C 113 14.19 0.07 -7.51
CA GLY C 113 14.90 0.93 -6.60
C GLY C 113 14.16 1.24 -5.30
N LYS C 114 12.90 0.83 -5.23
CA LYS C 114 12.06 1.06 -4.07
C LYS C 114 12.05 -0.14 -3.11
N LEU C 115 12.33 -1.32 -3.64
CA LEU C 115 12.32 -2.55 -2.85
C LEU C 115 13.55 -2.65 -1.93
N PRO C 116 13.36 -3.20 -0.72
CA PRO C 116 14.48 -3.36 0.22
C PRO C 116 15.21 -4.68 -0.02
N GLY C 117 16.45 -4.77 0.47
CA GLY C 117 17.23 -5.99 0.29
C GLY C 117 17.76 -6.19 -1.12
N ALA C 118 18.37 -7.35 -1.37
CA ALA C 118 18.91 -7.65 -2.69
C ALA C 118 17.91 -8.39 -3.57
N LEU C 119 18.20 -8.47 -4.86
CA LEU C 119 17.32 -9.16 -5.80
C LEU C 119 18.14 -10.19 -6.57
N GLU C 120 17.54 -11.34 -6.81
CA GLU C 120 18.20 -12.41 -7.55
C GLU C 120 18.45 -11.88 -8.98
N ALA C 121 19.69 -12.01 -9.44
CA ALA C 121 20.13 -11.52 -10.74
C ALA C 121 19.34 -11.96 -11.97
N TRP C 122 19.23 -13.27 -12.17
CA TRP C 122 18.52 -13.79 -13.33
C TRP C 122 17.07 -13.29 -13.37
N GLY C 123 16.40 -13.36 -12.22
CA GLY C 123 15.02 -12.91 -12.13
C GLY C 123 14.93 -11.41 -12.32
N TYR C 124 15.95 -10.69 -11.92
CA TYR C 124 15.95 -9.24 -12.09
C TYR C 124 15.97 -8.95 -13.59
N ARG C 125 16.86 -9.62 -14.30
CA ARG C 125 17.00 -9.46 -15.74
C ARG C 125 15.63 -9.68 -16.40
N LEU C 126 15.03 -10.83 -16.10
CA LEU C 126 13.75 -11.19 -16.66
C LEU C 126 12.66 -10.15 -16.42
N GLY C 127 12.52 -9.69 -15.18
CA GLY C 127 11.50 -8.70 -14.86
C GLY C 127 11.69 -7.35 -15.50
N GLU C 128 12.93 -7.04 -15.91
CA GLU C 128 13.26 -5.77 -16.52
C GLU C 128 13.30 -5.81 -18.05
N MET C 129 13.21 -7.00 -18.63
CA MET C 129 13.28 -7.13 -20.08
C MET C 129 12.40 -6.17 -20.89
N LYS C 130 11.12 -6.05 -20.53
CA LYS C 130 10.21 -5.16 -21.25
C LYS C 130 10.65 -3.70 -21.21
N GLY C 131 11.17 -3.27 -20.06
CA GLY C 131 11.63 -1.90 -19.91
C GLY C 131 12.91 -1.66 -20.70
N GLU C 132 13.76 -2.67 -20.79
CA GLU C 132 15.00 -2.54 -21.53
C GLU C 132 14.65 -2.46 -23.01
N TYR C 133 13.76 -3.35 -23.44
CA TYR C 133 13.32 -3.39 -24.83
C TYR C 133 12.73 -2.04 -25.22
N LYS C 134 11.85 -1.51 -24.36
CA LYS C 134 11.23 -0.22 -24.61
C LYS C 134 12.27 0.86 -24.82
N ASP C 135 13.37 0.81 -24.07
CA ASP C 135 14.43 1.79 -24.21
C ASP C 135 15.16 1.67 -25.55
N ASP C 136 15.50 0.44 -25.93
CA ASP C 136 16.19 0.22 -27.21
C ASP C 136 15.32 0.74 -28.35
N PHE C 137 14.01 0.50 -28.23
CA PHE C 137 13.04 0.93 -29.24
C PHE C 137 13.03 2.45 -29.37
N LYS C 138 12.83 3.15 -28.25
CA LYS C 138 12.81 4.62 -28.24
C LYS C 138 14.11 5.20 -28.77
N ARG C 139 15.22 4.63 -28.33
CA ARG C 139 16.53 5.08 -28.75
C ARG C 139 16.60 5.05 -30.27
N MET C 140 16.40 3.87 -30.83
CA MET C 140 16.46 3.66 -32.27
C MET C 140 15.51 4.58 -33.03
N LEU C 141 14.38 4.94 -32.42
CA LEU C 141 13.44 5.83 -33.07
C LEU C 141 14.02 7.24 -33.13
N GLU C 142 14.48 7.75 -32.00
CA GLU C 142 15.07 9.08 -31.93
C GLU C 142 16.25 9.22 -32.88
N GLU C 143 16.92 8.11 -33.16
CA GLU C 143 18.07 8.10 -34.06
C GLU C 143 17.62 8.21 -35.51
N GLN C 144 16.34 7.95 -35.76
CA GLN C 144 15.79 8.03 -37.11
C GLN C 144 14.76 9.17 -37.27
N GLY C 145 14.66 10.02 -36.27
CA GLY C 145 13.75 11.16 -36.35
C GLY C 145 12.27 10.96 -36.03
N GLU C 146 11.84 9.73 -35.74
CA GLU C 146 10.43 9.50 -35.43
C GLU C 146 10.10 9.77 -33.96
N GLU C 147 8.86 10.14 -33.72
CA GLU C 147 8.40 10.42 -32.37
C GLU C 147 7.91 9.13 -31.72
N TYR C 148 8.07 9.03 -30.40
CA TYR C 148 7.66 7.84 -29.66
C TYR C 148 6.27 7.99 -29.04
N VAL C 149 5.46 6.95 -29.21
CA VAL C 149 4.11 6.94 -28.68
C VAL C 149 3.96 5.89 -27.57
N ASP C 150 3.09 6.18 -26.61
CA ASP C 150 2.79 5.31 -25.46
C ASP C 150 3.75 4.14 -25.33
N GLY C 151 3.33 3.01 -25.88
CA GLY C 151 4.13 1.80 -25.86
C GLY C 151 3.95 1.09 -27.19
N MET C 152 4.33 1.78 -28.24
CA MET C 152 4.22 1.26 -29.60
C MET C 152 5.17 0.08 -29.84
N GLU C 153 6.15 -0.08 -28.96
CA GLU C 153 7.13 -1.16 -29.10
C GLU C 153 6.45 -2.53 -29.12
N TRP C 154 5.22 -2.61 -28.61
CA TRP C 154 4.51 -3.88 -28.58
C TRP C 154 3.45 -4.07 -29.68
N TRP C 155 3.24 -3.04 -30.51
CA TRP C 155 2.24 -3.13 -31.56
C TRP C 155 2.59 -4.10 -32.69
N ASN C 156 3.85 -4.13 -33.09
CA ASN C 156 4.26 -5.00 -34.19
C ASN C 156 5.49 -5.82 -33.89
N PHE C 157 5.54 -7.01 -34.49
CA PHE C 157 6.69 -7.89 -34.31
C PHE C 157 7.89 -7.27 -35.00
N ASN C 158 9.08 -7.58 -34.52
CA ASN C 158 10.32 -7.09 -35.12
C ASN C 158 11.48 -7.92 -34.58
N GLU C 159 12.61 -7.89 -35.27
CA GLU C 159 13.77 -8.69 -34.88
C GLU C 159 14.43 -8.32 -33.55
N GLU C 160 14.18 -7.13 -33.03
CA GLU C 160 14.76 -6.75 -31.75
C GLU C 160 13.97 -7.52 -30.69
N MET C 161 12.67 -7.62 -30.93
CA MET C 161 11.76 -8.34 -30.04
C MET C 161 12.16 -9.82 -30.01
N MET C 162 12.41 -10.37 -31.20
CA MET C 162 12.82 -11.75 -31.36
C MET C 162 14.12 -12.06 -30.61
N ASP C 163 15.06 -11.11 -30.60
CA ASP C 163 16.33 -11.31 -29.91
C ASP C 163 16.11 -11.34 -28.40
N TYR C 164 15.18 -10.52 -27.91
CA TYR C 164 14.86 -10.49 -26.49
C TYR C 164 14.13 -11.76 -26.09
N ASN C 165 13.33 -12.30 -26.99
CA ASN C 165 12.59 -13.53 -26.72
C ASN C 165 13.62 -14.63 -26.52
N VAL C 166 14.59 -14.71 -27.44
CA VAL C 166 15.64 -15.71 -27.33
C VAL C 166 16.42 -15.53 -26.03
N GLN C 167 16.66 -14.28 -25.64
CA GLN C 167 17.38 -14.02 -24.41
C GLN C 167 16.59 -14.43 -23.18
N ASP C 168 15.27 -14.39 -23.26
CA ASP C 168 14.46 -14.81 -22.12
C ASP C 168 14.69 -16.28 -21.80
N VAL C 169 14.63 -17.12 -22.83
CA VAL C 169 14.82 -18.55 -22.67
C VAL C 169 16.23 -18.89 -22.17
N VAL C 170 17.25 -18.21 -22.70
CA VAL C 170 18.60 -18.49 -22.24
C VAL C 170 18.67 -18.19 -20.74
N VAL C 171 18.18 -17.01 -20.35
CA VAL C 171 18.20 -16.63 -18.94
C VAL C 171 17.32 -17.54 -18.07
N THR C 172 16.13 -17.87 -18.59
CA THR C 172 15.20 -18.74 -17.87
C THR C 172 15.79 -20.14 -17.63
N LYS C 173 16.54 -20.64 -18.61
CA LYS C 173 17.18 -21.95 -18.50
C LYS C 173 18.23 -21.90 -17.39
N ALA C 174 19.02 -20.84 -17.40
CA ALA C 174 20.06 -20.65 -16.40
C ALA C 174 19.42 -20.56 -15.00
N LEU C 175 18.32 -19.82 -14.89
CA LEU C 175 17.63 -19.66 -13.61
C LEU C 175 17.15 -21.03 -13.15
N LEU C 176 16.55 -21.77 -14.07
CA LEU C 176 16.02 -23.09 -13.77
C LEU C 176 17.10 -24.00 -13.18
N GLU C 177 18.21 -24.16 -13.88
CA GLU C 177 19.29 -25.01 -13.42
C GLU C 177 19.81 -24.57 -12.06
N LYS C 178 19.88 -23.26 -11.86
CA LYS C 178 20.34 -22.71 -10.61
C LYS C 178 19.38 -23.17 -9.51
N LEU C 179 18.08 -23.10 -9.79
CA LEU C 179 17.06 -23.50 -8.83
C LEU C 179 17.06 -25.00 -8.59
N LEU C 180 17.27 -25.76 -9.66
CA LEU C 180 17.29 -27.22 -9.56
C LEU C 180 18.54 -27.77 -8.87
N SER C 181 19.51 -26.90 -8.60
CA SER C 181 20.75 -27.34 -7.97
C SER C 181 20.66 -27.25 -6.45
N ASP C 182 19.52 -26.79 -5.96
CA ASP C 182 19.30 -26.68 -4.52
C ASP C 182 18.92 -28.06 -3.99
N LYS C 183 19.90 -28.76 -3.41
CA LYS C 183 19.70 -30.11 -2.91
C LYS C 183 18.55 -30.28 -1.94
N HIS C 184 18.21 -29.22 -1.21
CA HIS C 184 17.10 -29.28 -0.24
C HIS C 184 15.75 -29.52 -0.91
N TYR C 185 15.55 -28.95 -2.10
CA TYR C 185 14.28 -29.11 -2.82
C TYR C 185 14.34 -30.15 -3.93
N PHE C 186 15.55 -30.41 -4.42
CA PHE C 186 15.72 -31.37 -5.49
C PHE C 186 16.92 -32.31 -5.23
N PRO C 187 16.63 -33.60 -4.93
CA PRO C 187 17.64 -34.64 -4.65
C PRO C 187 18.70 -34.72 -5.73
N PRO C 188 19.99 -34.71 -5.32
CA PRO C 188 21.17 -34.77 -6.20
C PRO C 188 21.28 -35.98 -7.15
N GLU C 189 20.75 -37.13 -6.75
CA GLU C 189 20.83 -38.33 -7.58
C GLU C 189 19.94 -38.28 -8.82
N ILE C 190 19.07 -37.29 -8.88
CA ILE C 190 18.16 -37.20 -10.01
C ILE C 190 18.39 -35.98 -10.89
N ASP C 191 18.48 -36.21 -12.19
CA ASP C 191 18.65 -35.11 -13.14
C ASP C 191 17.22 -34.69 -13.47
N PHE C 192 16.75 -33.61 -12.86
CA PHE C 192 15.39 -33.16 -13.09
C PHE C 192 15.08 -32.56 -14.47
N THR C 193 16.10 -32.46 -15.33
CA THR C 193 15.88 -31.93 -16.67
C THR C 193 15.77 -33.12 -17.60
N ASP C 194 15.81 -34.33 -17.04
CA ASP C 194 15.74 -35.55 -17.84
C ASP C 194 14.73 -36.58 -17.31
N VAL C 195 13.59 -36.12 -16.79
CA VAL C 195 12.56 -37.01 -16.27
C VAL C 195 11.16 -36.53 -16.67
N GLY C 196 10.21 -37.46 -16.68
CA GLY C 196 8.83 -37.12 -17.03
C GLY C 196 8.17 -36.27 -15.96
N TYR C 197 6.98 -35.73 -16.25
CA TYR C 197 6.29 -34.87 -15.30
C TYR C 197 5.96 -35.54 -13.97
N THR C 198 5.38 -36.74 -14.04
CA THR C 198 5.02 -37.45 -12.83
C THR C 198 6.22 -37.64 -11.89
N THR C 199 7.40 -37.85 -12.47
CA THR C 199 8.61 -38.02 -11.67
C THR C 199 9.03 -36.69 -11.03
N PHE C 200 8.97 -35.61 -11.81
CA PHE C 200 9.35 -34.30 -11.32
C PHE C 200 8.62 -33.93 -10.03
N TRP C 201 7.30 -34.08 -10.02
CA TRP C 201 6.51 -33.75 -8.84
C TRP C 201 6.70 -34.73 -7.68
N SER C 202 6.71 -36.03 -7.98
CA SER C 202 6.84 -37.04 -6.95
C SER C 202 8.22 -37.18 -6.30
N GLU C 203 9.29 -36.80 -7.00
CA GLU C 203 10.63 -36.93 -6.43
C GLU C 203 11.18 -35.65 -5.80
N SER C 204 10.47 -34.53 -5.98
CA SER C 204 10.92 -33.27 -5.39
C SER C 204 10.18 -33.00 -4.10
N LEU C 205 10.70 -32.08 -3.28
CA LEU C 205 10.09 -31.73 -2.00
C LEU C 205 8.62 -31.39 -2.23
N GLU C 206 7.76 -31.79 -1.29
CA GLU C 206 6.33 -31.52 -1.42
C GLU C 206 6.01 -30.06 -1.73
N ALA C 207 6.81 -29.14 -1.20
CA ALA C 207 6.61 -27.71 -1.42
C ALA C 207 6.60 -27.29 -2.89
N VAL C 208 7.41 -27.95 -3.72
CA VAL C 208 7.47 -27.61 -5.13
C VAL C 208 6.12 -27.82 -5.81
N ASP C 209 5.46 -28.92 -5.45
CA ASP C 209 4.17 -29.27 -6.00
C ASP C 209 3.10 -28.30 -5.50
N ILE C 210 3.09 -28.04 -4.20
CA ILE C 210 2.11 -27.14 -3.60
C ILE C 210 2.12 -25.72 -4.19
N GLU C 211 3.30 -25.13 -4.35
CA GLU C 211 3.41 -23.79 -4.91
C GLU C 211 2.92 -23.72 -6.35
N HIS C 212 3.28 -24.71 -7.17
CA HIS C 212 2.81 -24.70 -8.56
C HIS C 212 1.29 -24.85 -8.63
N ARG C 213 0.73 -25.65 -7.74
CA ARG C 213 -0.73 -25.82 -7.72
C ARG C 213 -1.39 -24.52 -7.26
N ALA C 214 -0.81 -23.89 -6.24
CA ALA C 214 -1.37 -22.63 -5.73
C ALA C 214 -1.30 -21.51 -6.78
N ALA C 215 -0.25 -21.51 -7.57
CA ALA C 215 -0.08 -20.49 -8.61
C ALA C 215 -1.09 -20.68 -9.74
N TRP C 216 -1.31 -21.93 -10.14
CA TRP C 216 -2.26 -22.23 -11.22
C TRP C 216 -3.65 -21.81 -10.80
N LEU C 217 -4.04 -22.21 -9.59
CA LEU C 217 -5.35 -21.85 -9.07
C LEU C 217 -5.53 -20.33 -8.88
N LEU C 218 -4.53 -19.68 -8.29
CA LEU C 218 -4.62 -18.24 -8.04
C LEU C 218 -4.62 -17.41 -9.33
N ALA C 219 -3.96 -17.92 -10.36
CA ALA C 219 -3.96 -17.24 -11.65
C ALA C 219 -5.41 -17.25 -12.15
N LYS C 220 -6.09 -18.39 -11.97
CA LYS C 220 -7.48 -18.53 -12.38
C LYS C 220 -8.36 -17.53 -11.60
N GLN C 221 -8.13 -17.41 -10.29
CA GLN C 221 -8.88 -16.48 -9.47
C GLN C 221 -8.75 -15.05 -10.02
N GLU C 222 -7.52 -14.63 -10.30
CA GLU C 222 -7.26 -13.30 -10.84
C GLU C 222 -8.11 -13.07 -12.09
N ARG C 223 -8.13 -14.08 -12.96
CA ARG C 223 -8.91 -14.03 -14.19
C ARG C 223 -10.40 -13.93 -13.90
N ASN C 224 -10.85 -14.63 -12.86
CA ASN C 224 -12.28 -14.57 -12.49
C ASN C 224 -12.61 -13.13 -12.10
N GLY C 225 -11.78 -12.56 -11.22
CA GLY C 225 -12.01 -11.21 -10.74
C GLY C 225 -13.06 -11.21 -9.65
N PHE C 226 -13.26 -10.06 -8.99
CA PHE C 226 -14.25 -9.95 -7.92
C PHE C 226 -15.34 -8.97 -8.34
N PRO C 227 -16.57 -9.47 -8.57
CA PRO C 227 -17.72 -8.61 -8.98
C PRO C 227 -17.82 -7.38 -8.08
N PHE C 228 -17.82 -6.20 -8.70
CA PHE C 228 -17.83 -4.93 -7.98
C PHE C 228 -18.99 -4.00 -8.32
N ASP C 229 -19.63 -3.43 -7.29
CA ASP C 229 -20.76 -2.50 -7.47
C ASP C 229 -20.25 -1.06 -7.67
N THR C 230 -19.82 -0.75 -8.88
CA THR C 230 -19.30 0.57 -9.22
C THR C 230 -20.23 1.73 -8.85
N LYS C 231 -21.52 1.57 -9.13
CA LYS C 231 -22.50 2.61 -8.82
C LYS C 231 -22.55 2.92 -7.32
N ALA C 232 -22.61 1.89 -6.50
CA ALA C 232 -22.68 2.09 -5.06
C ALA C 232 -21.45 2.85 -4.53
N ILE C 233 -20.30 2.59 -5.11
CA ILE C 233 -19.07 3.26 -4.66
C ILE C 233 -18.99 4.71 -5.16
N GLU C 234 -19.52 4.99 -6.34
CA GLU C 234 -19.51 6.36 -6.84
C GLU C 234 -20.42 7.21 -5.97
N GLU C 235 -21.50 6.61 -5.45
CA GLU C 235 -22.43 7.33 -4.60
C GLU C 235 -21.83 7.48 -3.20
N LEU C 236 -21.05 6.49 -2.77
CA LEU C 236 -20.40 6.56 -1.46
C LEU C 236 -19.38 7.69 -1.52
N TYR C 237 -18.77 7.84 -2.70
CA TYR C 237 -17.78 8.86 -2.92
C TYR C 237 -18.41 10.26 -2.84
N VAL C 238 -19.56 10.45 -3.45
CA VAL C 238 -20.23 11.74 -3.39
C VAL C 238 -20.55 12.12 -1.95
N GLU C 239 -21.08 11.14 -1.22
CA GLU C 239 -21.43 11.32 0.18
C GLU C 239 -20.23 11.70 1.03
N LEU C 240 -19.10 11.03 0.80
CA LEU C 240 -17.86 11.28 1.55
C LEU C 240 -17.23 12.62 1.19
N ALA C 241 -17.31 12.99 -0.09
CA ALA C 241 -16.74 14.25 -0.54
C ALA C 241 -17.46 15.45 0.06
N ALA C 242 -18.78 15.35 0.22
CA ALA C 242 -19.56 16.44 0.80
C ALA C 242 -19.24 16.58 2.28
N ARG C 243 -19.10 15.46 2.96
CA ARG C 243 -18.78 15.47 4.38
C ARG C 243 -17.35 16.01 4.58
N ARG C 244 -16.49 15.73 3.60
CA ARG C 244 -15.12 16.21 3.70
C ARG C 244 -15.13 17.73 3.58
N SER C 245 -15.88 18.24 2.61
CA SER C 245 -15.99 19.68 2.37
C SER C 245 -16.51 20.41 3.60
N GLU C 246 -17.61 19.92 4.17
CA GLU C 246 -18.21 20.52 5.36
C GLU C 246 -17.24 20.51 6.53
N LEU C 247 -16.45 19.45 6.65
CA LEU C 247 -15.48 19.36 7.73
C LEU C 247 -14.35 20.35 7.48
N LEU C 248 -14.03 20.56 6.22
CA LEU C 248 -12.99 21.50 5.85
C LEU C 248 -13.45 22.92 6.14
N ARG C 249 -14.71 23.21 5.81
CA ARG C 249 -15.28 24.52 6.05
C ARG C 249 -15.28 24.83 7.54
N LYS C 250 -15.72 23.87 8.34
CA LYS C 250 -15.75 24.07 9.77
C LYS C 250 -14.35 24.25 10.34
N LEU C 251 -13.41 23.43 9.87
CA LEU C 251 -12.04 23.51 10.36
C LEU C 251 -11.31 24.77 9.92
N THR C 252 -11.45 25.17 8.66
CA THR C 252 -10.77 26.37 8.18
C THR C 252 -11.40 27.62 8.81
N GLU C 253 -12.53 27.43 9.48
CA GLU C 253 -13.20 28.54 10.14
C GLU C 253 -12.61 28.66 11.54
N THR C 254 -12.38 27.52 12.19
CA THR C 254 -11.82 27.49 13.54
C THR C 254 -10.31 27.76 13.56
N PHE C 255 -9.59 27.15 12.62
CA PHE C 255 -8.15 27.30 12.53
C PHE C 255 -7.80 28.10 11.28
N GLY C 256 -7.68 29.41 11.44
CA GLY C 256 -7.38 30.28 10.31
C GLY C 256 -6.02 30.09 9.65
N SER C 257 -5.92 30.61 8.43
CA SER C 257 -4.69 30.52 7.65
C SER C 257 -3.57 31.39 8.23
N TRP C 258 -2.38 31.29 7.64
CA TRP C 258 -1.23 32.06 8.10
C TRP C 258 -0.15 32.09 7.04
N TYR C 259 0.90 32.86 7.28
CA TYR C 259 2.00 32.96 6.33
C TYR C 259 3.25 32.32 6.90
N GLN C 260 4.09 31.82 6.00
CA GLN C 260 5.36 31.21 6.40
C GLN C 260 6.36 31.51 5.30
N PRO C 261 7.66 31.51 5.62
CA PRO C 261 8.72 31.79 4.64
C PRO C 261 8.80 30.74 3.53
N LYS C 262 8.93 31.22 2.30
CA LYS C 262 9.01 30.36 1.13
C LYS C 262 9.62 31.08 -0.07
N GLY C 263 10.78 30.60 -0.52
CA GLY C 263 11.45 31.21 -1.65
C GLY C 263 12.74 31.91 -1.27
N GLY C 264 13.09 31.85 0.00
CA GLY C 264 14.33 32.48 0.43
C GLY C 264 15.51 31.80 -0.21
N THR C 265 16.33 32.56 -0.92
CA THR C 265 17.50 32.01 -1.59
C THR C 265 18.78 32.54 -0.95
N GLU C 266 18.66 33.68 -0.28
CA GLU C 266 19.80 34.32 0.36
C GLU C 266 19.78 34.13 1.87
N MET C 267 20.96 34.21 2.48
CA MET C 267 21.10 34.04 3.93
C MET C 267 20.96 35.40 4.62
N PHE C 268 20.29 35.42 5.77
CA PHE C 268 20.14 36.67 6.49
C PHE C 268 21.28 36.85 7.49
N CYS C 269 21.98 37.98 7.35
CA CYS C 269 23.10 38.29 8.23
C CYS C 269 22.85 39.56 9.03
N HIS C 270 23.23 39.52 10.30
CA HIS C 270 23.05 40.66 11.19
C HIS C 270 23.73 41.90 10.61
N PRO C 271 22.98 42.99 10.45
CA PRO C 271 23.49 44.25 9.90
C PRO C 271 24.77 44.76 10.57
N ARG C 272 24.73 44.86 11.90
CA ARG C 272 25.87 45.36 12.68
C ARG C 272 27.06 44.40 12.65
N THR C 273 26.84 43.19 13.15
CA THR C 273 27.88 42.17 13.21
C THR C 273 28.26 41.59 11.85
N GLY C 274 27.26 41.11 11.12
CA GLY C 274 27.51 40.53 9.81
C GLY C 274 27.53 39.01 9.89
N LYS C 275 27.30 38.48 11.08
CA LYS C 275 27.31 37.03 11.28
C LYS C 275 26.05 36.37 10.73
N PRO C 276 26.21 35.20 10.09
CA PRO C 276 25.05 34.49 9.53
C PRO C 276 24.09 34.06 10.63
N LEU C 277 22.79 34.19 10.35
CA LEU C 277 21.75 33.81 11.29
C LEU C 277 20.91 32.74 10.59
N PRO C 278 21.53 31.61 10.22
CA PRO C 278 20.84 30.50 9.54
C PRO C 278 19.47 30.11 10.09
N LYS C 279 19.16 30.53 11.32
CA LYS C 279 17.87 30.21 11.92
C LYS C 279 16.79 31.09 11.30
N TYR C 280 17.09 32.38 11.11
CA TYR C 280 16.13 33.30 10.50
C TYR C 280 15.79 32.80 9.10
N PRO C 281 14.54 33.01 8.65
CA PRO C 281 14.14 32.57 7.32
C PRO C 281 15.08 33.17 6.27
N ARG C 282 15.31 32.44 5.17
CA ARG C 282 16.17 32.96 4.12
C ARG C 282 15.47 34.13 3.46
N ILE C 283 16.24 35.12 3.00
CA ILE C 283 15.67 36.30 2.38
C ILE C 283 16.08 36.48 0.93
N LYS C 284 15.75 37.65 0.41
CA LYS C 284 16.08 38.00 -0.96
C LYS C 284 16.39 39.49 -0.99
N THR C 285 17.50 39.85 -1.63
CA THR C 285 17.91 41.24 -1.73
C THR C 285 17.83 41.67 -3.19
N PRO C 286 16.71 42.29 -3.58
CA PRO C 286 16.52 42.74 -4.97
C PRO C 286 17.72 43.51 -5.51
N LYS C 287 18.17 43.11 -6.69
CA LYS C 287 19.31 43.75 -7.34
C LYS C 287 18.89 45.10 -7.89
N VAL C 288 17.83 45.11 -8.71
CA VAL C 288 17.33 46.34 -9.31
C VAL C 288 16.13 46.89 -8.53
N GLY C 289 15.98 48.21 -8.50
CA GLY C 289 14.87 48.82 -7.80
C GLY C 289 15.22 50.14 -7.12
N GLY C 290 14.34 51.12 -7.24
CA GLY C 290 14.59 52.41 -6.61
C GLY C 290 13.37 53.29 -6.38
N ILE C 291 13.60 54.42 -5.73
CA ILE C 291 12.55 55.39 -5.44
C ILE C 291 12.51 56.46 -6.53
N ASP C 310 9.38 55.73 -10.18
CA ASP C 310 9.59 54.24 -10.19
C ASP C 310 8.55 53.57 -9.29
N THR C 311 7.43 53.18 -9.90
CA THR C 311 6.36 52.54 -9.15
C THR C 311 6.63 51.05 -8.89
N ARG C 312 7.88 50.63 -9.07
CA ARG C 312 8.22 49.24 -8.81
C ARG C 312 8.10 49.10 -7.30
N GLU C 313 7.81 47.89 -6.81
CA GLU C 313 7.67 47.69 -5.38
C GLU C 313 8.98 47.43 -4.64
N TYR C 314 10.00 46.99 -5.37
CA TYR C 314 11.27 46.68 -4.74
C TYR C 314 12.32 47.78 -4.83
N VAL C 315 13.26 47.75 -3.88
CA VAL C 315 14.33 48.74 -3.81
C VAL C 315 15.66 48.02 -3.70
N ALA C 316 16.52 48.20 -4.71
CA ALA C 316 17.82 47.58 -4.74
C ALA C 316 18.51 47.67 -3.38
N GLY C 317 18.96 46.52 -2.85
CA GLY C 317 19.62 46.51 -1.57
C GLY C 317 18.71 46.44 -0.37
N ALA C 318 17.41 46.70 -0.56
CA ALA C 318 16.44 46.65 0.52
C ALA C 318 15.91 45.21 0.62
N PRO C 319 16.43 44.43 1.58
CA PRO C 319 16.08 43.03 1.83
C PRO C 319 14.70 42.78 2.44
N TYR C 320 14.08 41.67 2.04
CA TYR C 320 12.77 41.27 2.54
C TYR C 320 12.69 39.75 2.59
N THR C 321 11.71 39.24 3.32
CA THR C 321 11.52 37.81 3.46
C THR C 321 10.37 37.31 2.60
N PRO C 322 10.68 36.51 1.57
CA PRO C 322 9.65 35.95 0.68
C PRO C 322 8.74 35.03 1.51
N VAL C 323 7.43 35.18 1.37
CA VAL C 323 6.50 34.35 2.14
C VAL C 323 5.39 33.79 1.25
N GLU C 324 4.61 32.88 1.82
CA GLU C 324 3.49 32.28 1.11
C GLU C 324 2.34 32.16 2.09
N HIS C 325 1.11 32.22 1.59
CA HIS C 325 -0.07 32.10 2.43
C HIS C 325 -0.49 30.63 2.46
N VAL C 326 -0.69 30.07 3.65
CA VAL C 326 -1.08 28.67 3.73
C VAL C 326 -2.39 28.45 4.50
N VAL C 327 -3.30 27.70 3.89
CA VAL C 327 -4.59 27.38 4.50
C VAL C 327 -4.48 26.10 5.31
N PHE C 328 -5.23 26.02 6.40
CA PHE C 328 -5.20 24.84 7.26
C PHE C 328 -5.61 23.58 6.51
N ASN C 329 -4.74 22.56 6.57
CA ASN C 329 -4.99 21.28 5.92
C ASN C 329 -5.09 20.20 7.00
N PRO C 330 -6.30 19.67 7.22
CA PRO C 330 -6.56 18.62 8.21
C PRO C 330 -5.78 17.33 7.93
N SER C 331 -5.32 17.15 6.70
CA SER C 331 -4.53 15.97 6.35
C SER C 331 -3.05 16.19 6.66
N SER C 332 -2.72 17.30 7.30
CA SER C 332 -1.34 17.61 7.63
C SER C 332 -1.08 17.49 9.12
N ARG C 333 -0.38 16.44 9.52
CA ARG C 333 -0.07 16.21 10.92
C ARG C 333 0.71 17.41 11.44
N ASP C 334 1.47 18.05 10.55
CA ASP C 334 2.27 19.22 10.92
C ASP C 334 1.38 20.40 11.30
N HIS C 335 0.42 20.74 10.42
CA HIS C 335 -0.49 21.84 10.69
C HIS C 335 -1.23 21.58 12.00
N ILE C 336 -1.72 20.35 12.14
CA ILE C 336 -2.46 19.95 13.33
C ILE C 336 -1.62 20.21 14.57
N GLN C 337 -0.41 19.65 14.59
CA GLN C 337 0.50 19.81 15.71
C GLN C 337 0.73 21.30 16.03
N LYS C 338 0.84 22.11 14.99
CA LYS C 338 1.07 23.54 15.14
C LYS C 338 -0.08 24.26 15.83
N LYS C 339 -1.31 23.98 15.39
CA LYS C 339 -2.48 24.62 15.96
C LYS C 339 -2.84 24.14 17.36
N LEU C 340 -2.65 22.86 17.63
CA LEU C 340 -2.97 22.33 18.95
C LEU C 340 -2.02 22.86 20.03
N GLN C 341 -0.75 23.00 19.69
CA GLN C 341 0.21 23.51 20.67
C GLN C 341 -0.08 24.98 20.89
N GLU C 342 -0.49 25.67 19.82
CA GLU C 342 -0.81 27.09 19.90
C GLU C 342 -2.05 27.29 20.75
N ALA C 343 -2.66 26.21 21.19
CA ALA C 343 -3.86 26.29 22.01
C ALA C 343 -3.61 25.70 23.39
N GLY C 344 -2.34 25.44 23.70
CA GLY C 344 -2.00 24.90 25.00
C GLY C 344 -1.68 23.41 25.08
N TRP C 345 -1.55 22.75 23.94
CA TRP C 345 -1.23 21.32 23.95
C TRP C 345 0.25 21.09 24.15
N VAL C 346 0.59 20.22 25.09
CA VAL C 346 1.97 19.87 25.37
C VAL C 346 2.17 18.39 25.05
N PRO C 347 2.82 18.10 23.91
CA PRO C 347 3.07 16.71 23.48
C PRO C 347 3.78 15.88 24.55
N THR C 348 3.44 14.60 24.60
CA THR C 348 4.02 13.67 25.57
C THR C 348 4.90 12.62 24.89
N LYS C 349 4.72 12.44 23.58
CA LYS C 349 5.49 11.44 22.85
C LYS C 349 5.95 11.93 21.48
N TYR C 350 7.24 11.78 21.21
CA TYR C 350 7.82 12.22 19.95
C TYR C 350 8.41 11.05 19.18
N THR C 351 8.75 11.29 17.92
CA THR C 351 9.32 10.25 17.08
C THR C 351 10.84 10.41 17.00
N ASP C 352 11.49 9.47 16.33
CA ASP C 352 12.95 9.51 16.19
C ASP C 352 13.36 10.52 15.12
N LYS C 353 12.74 11.69 15.17
CA LYS C 353 13.03 12.76 14.21
C LYS C 353 12.63 14.09 14.85
N GLY C 354 12.21 14.03 16.12
CA GLY C 354 11.81 15.22 16.82
C GLY C 354 10.32 15.51 16.72
N ALA C 355 9.73 15.14 15.59
CA ALA C 355 8.32 15.36 15.34
C ALA C 355 7.44 14.70 16.41
N PRO C 356 6.43 15.42 16.91
CA PRO C 356 5.52 14.88 17.93
C PRO C 356 4.50 13.93 17.31
N VAL C 357 4.22 12.83 17.99
CA VAL C 357 3.27 11.85 17.49
C VAL C 357 1.86 12.44 17.39
N VAL C 358 1.23 12.24 16.24
CA VAL C 358 -0.12 12.73 16.02
C VAL C 358 -0.99 11.66 15.36
N ASP C 359 -1.21 10.57 16.08
CA ASP C 359 -2.06 9.50 15.60
C ASP C 359 -3.37 9.60 16.36
N ASP C 360 -4.35 8.79 15.96
CA ASP C 360 -5.65 8.81 16.60
C ASP C 360 -5.60 8.59 18.10
N GLU C 361 -4.69 7.75 18.55
CA GLU C 361 -4.55 7.46 19.97
C GLU C 361 -4.14 8.72 20.75
N VAL C 362 -3.23 9.51 20.18
CA VAL C 362 -2.77 10.74 20.81
C VAL C 362 -3.85 11.81 20.72
N LEU C 363 -4.42 12.00 19.53
CA LEU C 363 -5.46 12.99 19.34
C LEU C 363 -6.60 12.75 20.32
N GLU C 364 -6.98 11.48 20.49
CA GLU C 364 -8.05 11.12 21.40
C GLU C 364 -7.74 11.61 22.82
N GLY C 365 -6.46 11.73 23.14
CA GLY C 365 -6.07 12.15 24.47
C GLY C 365 -5.74 13.63 24.67
N VAL C 366 -5.73 14.41 23.60
CA VAL C 366 -5.42 15.83 23.69
C VAL C 366 -6.49 16.62 24.45
N ARG C 367 -6.05 17.61 25.23
CA ARG C 367 -6.94 18.45 26.01
C ARG C 367 -6.54 19.93 25.96
N VAL C 368 -7.48 20.79 25.59
CA VAL C 368 -7.22 22.23 25.50
C VAL C 368 -8.38 23.01 26.12
N ASP C 369 -8.13 24.27 26.47
CA ASP C 369 -9.16 25.11 27.09
C ASP C 369 -10.29 25.50 26.15
N ASP C 370 -9.96 26.17 25.05
CA ASP C 370 -10.96 26.61 24.09
C ASP C 370 -11.87 25.45 23.71
N PRO C 371 -13.15 25.50 24.11
CA PRO C 371 -14.13 24.45 23.82
C PRO C 371 -14.26 24.17 22.33
N GLU C 372 -14.34 25.23 21.52
CA GLU C 372 -14.48 25.07 20.09
C GLU C 372 -13.31 24.32 19.47
N LYS C 373 -12.10 24.65 19.91
CA LYS C 373 -10.90 23.99 19.40
C LYS C 373 -10.84 22.54 19.87
N GLN C 374 -11.35 22.29 21.07
CA GLN C 374 -11.37 20.95 21.64
C GLN C 374 -12.27 20.06 20.76
N ALA C 375 -13.47 20.55 20.48
CA ALA C 375 -14.41 19.81 19.66
C ALA C 375 -13.85 19.61 18.25
N ALA C 376 -13.06 20.58 17.80
CA ALA C 376 -12.46 20.54 16.47
C ALA C 376 -11.58 19.31 16.30
N ILE C 377 -11.09 18.78 17.42
CA ILE C 377 -10.24 17.60 17.38
C ILE C 377 -11.02 16.40 16.86
N ASP C 378 -12.29 16.29 17.23
CA ASP C 378 -13.11 15.19 16.77
C ASP C 378 -13.35 15.34 15.27
N LEU C 379 -13.53 16.58 14.83
CA LEU C 379 -13.75 16.85 13.42
C LEU C 379 -12.52 16.40 12.62
N ILE C 380 -11.36 16.66 13.21
CA ILE C 380 -10.10 16.29 12.57
C ILE C 380 -9.97 14.77 12.46
N LYS C 381 -10.32 14.05 13.53
CA LYS C 381 -10.24 12.60 13.50
C LYS C 381 -11.21 12.07 12.44
N GLU C 382 -12.40 12.65 12.39
CA GLU C 382 -13.40 12.23 11.40
C GLU C 382 -12.89 12.50 9.99
N TYR C 383 -12.27 13.66 9.79
CA TYR C 383 -11.76 14.04 8.49
C TYR C 383 -10.71 13.06 7.99
N LEU C 384 -9.75 12.74 8.84
CA LEU C 384 -8.68 11.81 8.48
C LEU C 384 -9.28 10.45 8.08
N MET C 385 -10.29 10.00 8.81
CA MET C 385 -10.94 8.74 8.50
C MET C 385 -11.67 8.82 7.15
N ILE C 386 -12.42 9.90 6.94
CA ILE C 386 -13.14 10.09 5.68
C ILE C 386 -12.16 10.04 4.51
N GLN C 387 -11.01 10.71 4.69
CA GLN C 387 -10.01 10.73 3.64
C GLN C 387 -9.44 9.34 3.40
N LYS C 388 -9.36 8.56 4.47
CA LYS C 388 -8.85 7.19 4.39
C LYS C 388 -9.73 6.37 3.45
N ARG C 389 -11.04 6.59 3.55
CA ARG C 389 -12.02 5.88 2.72
C ARG C 389 -12.07 6.40 1.31
N ILE C 390 -11.93 7.71 1.13
CA ILE C 390 -11.95 8.31 -0.20
C ILE C 390 -10.70 7.88 -0.95
N GLY C 391 -9.58 7.82 -0.24
CA GLY C 391 -8.34 7.41 -0.87
C GLY C 391 -8.38 5.99 -1.38
N GLN C 392 -8.83 5.07 -0.54
CA GLN C 392 -8.89 3.67 -0.92
C GLN C 392 -9.97 3.36 -1.96
N SER C 393 -11.12 4.01 -1.82
CA SER C 393 -12.22 3.74 -2.72
C SER C 393 -12.23 4.51 -4.03
N ALA C 394 -11.71 5.74 -4.04
CA ALA C 394 -11.81 6.52 -5.25
C ALA C 394 -10.68 7.41 -5.75
N GLU C 395 -10.00 8.10 -4.84
CA GLU C 395 -8.95 9.03 -5.30
C GLU C 395 -7.52 8.53 -5.36
N GLY C 396 -7.16 7.56 -4.52
CA GLY C 396 -5.80 7.06 -4.55
C GLY C 396 -5.41 6.45 -5.89
N ASP C 397 -4.11 6.34 -6.14
CA ASP C 397 -3.63 5.74 -7.39
C ASP C 397 -4.11 4.29 -7.53
N LYS C 398 -4.28 3.61 -6.39
CA LYS C 398 -4.71 2.21 -6.36
C LYS C 398 -6.20 2.06 -6.00
N ALA C 399 -6.98 3.13 -6.12
CA ALA C 399 -8.40 3.09 -5.78
C ALA C 399 -9.24 2.07 -6.56
N TRP C 400 -10.28 1.55 -5.89
CA TRP C 400 -11.18 0.58 -6.51
C TRP C 400 -11.79 1.10 -7.82
N LEU C 401 -12.30 2.33 -7.79
CA LEU C 401 -12.92 2.94 -8.97
C LEU C 401 -11.96 3.08 -10.14
N ARG C 402 -10.67 3.07 -9.87
CA ARG C 402 -9.66 3.19 -10.91
C ARG C 402 -9.32 1.81 -11.46
N TYR C 403 -9.63 0.77 -10.69
CA TYR C 403 -9.31 -0.59 -11.12
C TYR C 403 -10.44 -1.44 -11.70
N VAL C 404 -11.70 -1.03 -11.54
CA VAL C 404 -12.80 -1.82 -12.08
C VAL C 404 -12.61 -2.00 -13.60
N ALA C 405 -12.80 -3.22 -14.08
CA ALA C 405 -12.63 -3.51 -15.51
C ALA C 405 -13.94 -3.40 -16.29
N GLU C 406 -13.87 -3.57 -17.61
CA GLU C 406 -15.06 -3.47 -18.46
C GLU C 406 -16.10 -4.52 -18.04
N ASP C 407 -15.61 -5.67 -17.57
CA ASP C 407 -16.50 -6.75 -17.17
C ASP C 407 -17.13 -6.54 -15.80
N GLY C 408 -17.00 -5.33 -15.25
CA GLY C 408 -17.58 -5.03 -13.96
C GLY C 408 -16.93 -5.71 -12.75
N LYS C 409 -15.67 -6.10 -12.89
CA LYS C 409 -14.99 -6.77 -11.80
C LYS C 409 -13.61 -6.20 -11.54
N ILE C 410 -13.15 -6.33 -10.30
CA ILE C 410 -11.81 -5.89 -9.94
C ILE C 410 -10.94 -7.15 -9.93
N HIS C 411 -9.89 -7.14 -10.75
CA HIS C 411 -8.98 -8.28 -10.86
C HIS C 411 -7.70 -8.09 -10.06
N GLY C 412 -7.83 -8.11 -8.74
CA GLY C 412 -6.67 -7.94 -7.86
C GLY C 412 -5.57 -8.94 -8.16
N SER C 413 -4.33 -8.48 -8.02
CA SER C 413 -3.17 -9.33 -8.27
C SER C 413 -2.80 -10.08 -6.99
N VAL C 414 -2.17 -11.24 -7.13
CA VAL C 414 -1.78 -12.02 -5.97
C VAL C 414 -0.42 -12.70 -6.13
N ASN C 415 0.50 -12.42 -5.22
CA ASN C 415 1.80 -13.09 -5.24
C ASN C 415 1.56 -14.25 -4.26
N PRO C 416 1.34 -15.47 -4.78
CA PRO C 416 1.08 -16.67 -3.98
C PRO C 416 2.02 -16.95 -2.83
N ASN C 417 3.28 -16.52 -2.96
CA ASN C 417 4.27 -16.77 -1.92
C ASN C 417 5.08 -15.51 -1.61
N GLY C 418 4.44 -14.35 -1.69
CA GLY C 418 5.10 -13.08 -1.44
C GLY C 418 5.62 -12.75 -0.04
N ALA C 419 5.15 -13.45 0.98
CA ALA C 419 5.61 -13.18 2.36
C ALA C 419 6.65 -14.24 2.76
N VAL C 420 7.61 -13.86 3.60
CA VAL C 420 8.64 -14.80 4.04
C VAL C 420 8.09 -16.06 4.71
N THR C 421 6.99 -15.92 5.43
CA THR C 421 6.37 -17.04 6.14
C THR C 421 5.65 -18.03 5.23
N GLY C 422 5.49 -17.68 3.96
CA GLY C 422 4.79 -18.57 3.05
C GLY C 422 3.39 -18.08 2.77
N ARG C 423 3.02 -16.96 3.40
CA ARG C 423 1.71 -16.36 3.18
C ARG C 423 1.83 -15.70 1.80
N ALA C 424 0.71 -15.32 1.22
CA ALA C 424 0.70 -14.63 -0.06
C ALA C 424 0.59 -13.13 0.21
N THR C 425 0.84 -12.32 -0.83
CA THR C 425 0.69 -10.87 -0.72
C THR C 425 -0.36 -10.49 -1.76
N HIS C 426 -1.01 -9.35 -1.57
CA HIS C 426 -2.07 -8.92 -2.48
C HIS C 426 -1.94 -7.45 -2.87
N ALA C 427 -2.18 -7.13 -4.13
CA ALA C 427 -2.04 -5.76 -4.59
C ALA C 427 -2.71 -5.46 -5.93
N PHE C 428 -2.90 -4.16 -6.18
CA PHE C 428 -3.47 -3.63 -7.41
C PHE C 428 -4.93 -3.95 -7.69
N PRO C 429 -5.84 -3.63 -6.76
CA PRO C 429 -5.58 -3.02 -5.45
C PRO C 429 -5.42 -4.20 -4.47
N ASN C 430 -5.12 -3.92 -3.21
CA ASN C 430 -4.94 -4.99 -2.23
C ASN C 430 -6.30 -5.43 -1.65
N LEU C 431 -6.86 -6.49 -2.20
CA LEU C 431 -8.15 -7.00 -1.77
C LEU C 431 -8.14 -7.63 -0.37
N ALA C 432 -6.96 -7.75 0.23
CA ALA C 432 -6.84 -8.30 1.58
C ALA C 432 -6.78 -7.16 2.63
N GLN C 433 -7.21 -5.96 2.23
CA GLN C 433 -7.24 -4.82 3.17
C GLN C 433 -8.54 -3.99 3.06
N ILE C 434 -9.61 -4.62 2.62
CA ILE C 434 -10.91 -3.94 2.51
C ILE C 434 -11.38 -3.70 3.95
N PRO C 435 -11.90 -2.48 4.23
CA PRO C 435 -12.38 -2.14 5.58
C PRO C 435 -13.35 -3.20 6.14
N GLY C 436 -13.25 -3.46 7.44
CA GLY C 436 -14.13 -4.44 8.06
C GLY C 436 -15.56 -3.92 8.18
N VAL C 437 -16.54 -4.81 8.06
CA VAL C 437 -17.94 -4.39 8.15
C VAL C 437 -18.28 -3.60 9.42
N ARG C 438 -17.48 -3.79 10.47
CA ARG C 438 -17.73 -3.11 11.74
C ARG C 438 -17.03 -1.76 11.84
N SER C 439 -16.30 -1.37 10.81
CA SER C 439 -15.62 -0.08 10.84
C SER C 439 -16.48 0.91 10.08
N PRO C 440 -16.33 2.21 10.35
CA PRO C 440 -17.12 3.25 9.67
C PRO C 440 -17.10 3.09 8.16
N TYR C 441 -18.29 3.04 7.58
CA TYR C 441 -18.49 2.86 6.14
C TYR C 441 -18.08 1.48 5.64
N GLY C 442 -17.77 0.58 6.58
CA GLY C 442 -17.36 -0.75 6.20
C GLY C 442 -18.45 -1.57 5.54
N GLU C 443 -19.70 -1.31 5.94
CA GLU C 443 -20.83 -2.04 5.39
C GLU C 443 -20.90 -1.77 3.89
N GLN C 444 -20.86 -0.49 3.53
CA GLN C 444 -20.93 -0.12 2.13
C GLN C 444 -19.74 -0.61 1.31
N CYS C 445 -18.54 -0.46 1.84
CA CYS C 445 -17.33 -0.92 1.16
C CYS C 445 -17.42 -2.42 0.90
N ARG C 446 -17.64 -3.15 1.98
CA ARG C 446 -17.72 -4.59 1.94
C ARG C 446 -18.80 -5.09 0.98
N ALA C 447 -19.98 -4.47 1.06
CA ALA C 447 -21.12 -4.81 0.22
C ALA C 447 -20.90 -4.59 -1.29
N ALA C 448 -19.98 -3.71 -1.65
CA ALA C 448 -19.70 -3.45 -3.06
C ALA C 448 -18.95 -4.64 -3.71
N PHE C 449 -18.39 -5.50 -2.87
CA PHE C 449 -17.69 -6.68 -3.36
C PHE C 449 -18.62 -7.89 -3.14
N GLY C 450 -19.27 -8.37 -4.20
CA GLY C 450 -20.16 -9.50 -4.03
C GLY C 450 -20.59 -10.23 -5.29
N ALA C 451 -20.81 -11.53 -5.16
CA ALA C 451 -21.25 -12.37 -6.27
C ALA C 451 -22.57 -11.83 -6.85
N GLU C 452 -23.39 -11.25 -5.96
CA GLU C 452 -24.69 -10.69 -6.34
C GLU C 452 -24.57 -9.66 -7.46
N HIS C 453 -23.40 -9.03 -7.58
CA HIS C 453 -23.18 -8.00 -8.59
C HIS C 453 -22.81 -8.61 -9.94
N HIS C 454 -22.75 -9.93 -10.00
CA HIS C 454 -22.47 -10.62 -11.25
C HIS C 454 -23.75 -11.33 -11.68
N LEU C 455 -24.18 -11.07 -12.92
CA LEU C 455 -25.38 -11.69 -13.46
C LEU C 455 -24.95 -12.85 -14.36
N ASP C 456 -25.58 -14.01 -14.18
CA ASP C 456 -25.24 -15.20 -14.96
C ASP C 456 -25.30 -14.94 -16.46
N GLY C 457 -24.29 -15.44 -17.17
CA GLY C 457 -24.23 -15.25 -18.60
C GLY C 457 -25.39 -15.84 -19.38
N ILE C 458 -26.10 -16.80 -18.79
CA ILE C 458 -27.23 -17.42 -19.46
C ILE C 458 -28.58 -16.90 -18.95
N THR C 459 -28.83 -17.08 -17.65
CA THR C 459 -30.09 -16.66 -17.03
C THR C 459 -30.19 -15.20 -16.63
N GLY C 460 -29.05 -14.52 -16.53
CA GLY C 460 -29.05 -13.13 -16.14
C GLY C 460 -29.33 -12.95 -14.65
N LYS C 461 -29.47 -14.07 -13.93
CA LYS C 461 -29.73 -14.02 -12.49
C LYS C 461 -28.43 -13.81 -11.70
N PRO C 462 -28.52 -13.10 -10.56
CA PRO C 462 -27.36 -12.83 -9.71
C PRO C 462 -26.77 -14.14 -9.17
N TRP C 463 -25.45 -14.14 -8.95
CA TRP C 463 -24.80 -15.33 -8.41
C TRP C 463 -24.83 -15.21 -6.89
N VAL C 464 -24.52 -16.30 -6.20
CA VAL C 464 -24.50 -16.33 -4.75
C VAL C 464 -23.07 -16.47 -4.25
N GLN C 465 -22.83 -16.01 -3.02
CA GLN C 465 -21.52 -16.03 -2.44
C GLN C 465 -21.37 -16.99 -1.27
N ALA C 466 -20.26 -17.70 -1.24
CA ALA C 466 -19.95 -18.64 -0.17
C ALA C 466 -18.64 -18.16 0.44
N GLY C 467 -18.66 -17.89 1.74
CA GLY C 467 -17.45 -17.44 2.41
C GLY C 467 -17.04 -18.44 3.48
N ILE C 468 -15.79 -18.89 3.44
CA ILE C 468 -15.32 -19.84 4.44
C ILE C 468 -14.04 -19.33 5.07
N ASP C 469 -13.96 -19.45 6.39
CA ASP C 469 -12.81 -18.97 7.14
C ASP C 469 -12.34 -19.99 8.19
N ALA C 470 -11.03 -20.27 8.19
CA ALA C 470 -10.48 -21.21 9.16
C ALA C 470 -10.67 -20.68 10.58
N SER C 471 -11.17 -21.52 11.48
CA SER C 471 -11.42 -21.11 12.86
C SER C 471 -10.17 -21.11 13.76
N GLY C 472 -9.97 -20.01 14.48
CA GLY C 472 -8.83 -19.87 15.38
C GLY C 472 -7.57 -20.50 14.84
N LEU C 473 -7.34 -20.29 13.54
CA LEU C 473 -6.20 -20.87 12.83
C LEU C 473 -4.88 -20.93 13.57
N GLU C 474 -4.25 -19.78 13.76
CA GLU C 474 -2.93 -19.77 14.39
C GLU C 474 -2.88 -20.20 15.86
N LEU C 475 -4.01 -20.20 16.56
CA LEU C 475 -3.99 -20.64 17.95
C LEU C 475 -4.02 -22.17 17.92
N ARG C 476 -4.63 -22.73 16.89
CA ARG C 476 -4.69 -24.18 16.74
C ARG C 476 -3.31 -24.68 16.32
N CYS C 477 -2.56 -23.83 15.61
CA CYS C 477 -1.20 -24.19 15.20
C CYS C 477 -0.36 -24.20 16.47
N LEU C 478 -0.67 -23.30 17.39
CA LEU C 478 0.05 -23.25 18.65
C LEU C 478 -0.24 -24.55 19.39
N ALA C 479 -1.52 -24.94 19.43
CA ALA C 479 -1.92 -26.18 20.09
C ALA C 479 -1.09 -27.34 19.55
N HIS C 480 -1.04 -27.45 18.23
CA HIS C 480 -0.27 -28.50 17.55
C HIS C 480 1.16 -28.60 18.05
N PHE C 481 1.90 -27.49 17.97
CA PHE C 481 3.29 -27.47 18.39
C PHE C 481 3.52 -27.55 19.91
N MET C 482 2.47 -27.31 20.69
CA MET C 482 2.60 -27.37 22.14
C MET C 482 2.25 -28.74 22.66
N ALA C 483 1.73 -29.59 21.78
CA ALA C 483 1.31 -30.93 22.16
C ALA C 483 2.42 -31.78 22.79
N ARG C 484 3.63 -31.69 22.28
CA ARG C 484 4.73 -32.47 22.87
C ARG C 484 5.04 -32.00 24.29
N PHE C 485 4.63 -30.78 24.62
CA PHE C 485 4.88 -30.24 25.95
C PHE C 485 3.70 -30.46 26.91
N ASP C 486 2.48 -30.31 26.41
CA ASP C 486 1.30 -30.45 27.27
C ASP C 486 0.39 -31.65 26.97
N ASN C 487 0.86 -32.57 26.16
CA ASN C 487 0.11 -33.76 25.80
C ASN C 487 -1.27 -33.52 25.17
N GLY C 488 -1.42 -32.38 24.50
CA GLY C 488 -2.68 -32.08 23.85
C GLY C 488 -3.75 -31.41 24.69
N GLU C 489 -3.39 -30.95 25.87
CA GLU C 489 -4.37 -30.29 26.75
C GLU C 489 -4.97 -29.07 26.08
N TYR C 490 -4.12 -28.18 25.57
CA TYR C 490 -4.62 -26.99 24.91
C TYR C 490 -5.39 -27.35 23.64
N ALA C 491 -4.85 -28.29 22.87
CA ALA C 491 -5.51 -28.71 21.64
C ALA C 491 -6.93 -29.15 21.96
N HIS C 492 -7.10 -29.76 23.14
CA HIS C 492 -8.40 -30.23 23.57
C HIS C 492 -9.28 -29.11 24.15
N GLU C 493 -8.71 -28.27 25.01
CA GLU C 493 -9.49 -27.22 25.63
C GLU C 493 -9.89 -26.12 24.64
N ILE C 494 -9.11 -25.96 23.58
CA ILE C 494 -9.41 -24.94 22.58
C ILE C 494 -10.68 -25.27 21.80
N LEU C 495 -11.09 -26.53 21.84
CA LEU C 495 -12.29 -26.96 21.13
C LEU C 495 -13.55 -26.82 21.98
N ASN C 496 -13.40 -26.31 23.20
CA ASN C 496 -14.53 -26.12 24.11
C ASN C 496 -15.14 -24.74 23.92
N GLY C 497 -16.02 -24.62 22.93
CA GLY C 497 -16.65 -23.36 22.62
C GLY C 497 -15.69 -22.54 21.78
N ASP C 498 -16.07 -21.32 21.41
CA ASP C 498 -15.20 -20.47 20.60
C ASP C 498 -14.06 -19.94 21.47
N ILE C 499 -12.83 -20.21 21.06
CA ILE C 499 -11.64 -19.78 21.81
C ILE C 499 -11.50 -18.26 21.98
N HIS C 500 -11.84 -17.49 20.96
CA HIS C 500 -11.72 -16.03 21.04
C HIS C 500 -12.79 -15.42 21.92
N THR C 501 -14.00 -15.94 21.83
CA THR C 501 -15.09 -15.44 22.65
C THR C 501 -14.79 -15.84 24.09
N LYS C 502 -14.21 -17.02 24.27
CA LYS C 502 -13.86 -17.49 25.60
C LYS C 502 -12.77 -16.60 26.19
N ASN C 503 -11.83 -16.15 25.35
CA ASN C 503 -10.76 -15.29 25.83
C ASN C 503 -11.29 -13.88 26.08
N GLN C 504 -12.23 -13.44 25.25
CA GLN C 504 -12.82 -12.11 25.41
C GLN C 504 -13.39 -11.98 26.82
N ILE C 505 -14.15 -13.00 27.23
CA ILE C 505 -14.77 -13.00 28.54
C ILE C 505 -13.73 -12.95 29.65
N ALA C 506 -12.74 -13.83 29.59
CA ALA C 506 -11.69 -13.90 30.59
C ALA C 506 -10.89 -12.60 30.68
N ALA C 507 -10.67 -11.95 29.54
CA ALA C 507 -9.91 -10.71 29.52
C ALA C 507 -10.80 -9.49 29.72
N GLU C 508 -12.11 -9.73 29.79
CA GLU C 508 -13.06 -8.64 30.00
C GLU C 508 -12.98 -7.60 28.88
N LEU C 509 -12.83 -8.07 27.66
CA LEU C 509 -12.73 -7.20 26.50
C LEU C 509 -14.11 -6.90 25.90
N PRO C 510 -14.26 -5.72 25.25
CA PRO C 510 -15.51 -5.28 24.63
C PRO C 510 -16.05 -6.05 23.41
N THR C 511 -15.16 -6.55 22.56
CA THR C 511 -15.59 -7.28 21.38
C THR C 511 -14.72 -8.49 21.14
N ARG C 512 -15.18 -9.37 20.26
CA ARG C 512 -14.44 -10.57 19.91
C ARG C 512 -13.21 -10.18 19.09
N ASP C 513 -13.34 -9.14 18.27
CA ASP C 513 -12.20 -8.69 17.47
C ASP C 513 -11.06 -8.19 18.37
N ASN C 514 -11.43 -7.44 19.41
CA ASN C 514 -10.45 -6.92 20.35
C ASN C 514 -9.70 -8.10 21.00
N ALA C 515 -10.44 -9.17 21.28
CA ALA C 515 -9.87 -10.37 21.90
C ALA C 515 -8.86 -11.04 20.98
N LYS C 516 -9.15 -11.04 19.68
CA LYS C 516 -8.26 -11.66 18.69
C LYS C 516 -6.95 -10.88 18.59
N THR C 517 -7.05 -9.56 18.42
CA THR C 517 -5.84 -8.75 18.34
C THR C 517 -5.08 -8.77 19.68
N PHE C 518 -5.80 -9.03 20.77
CA PHE C 518 -5.15 -9.12 22.08
C PHE C 518 -4.33 -10.41 22.19
N ILE C 519 -5.00 -11.54 22.01
CA ILE C 519 -4.33 -12.84 22.14
C ILE C 519 -3.14 -12.99 21.22
N TYR C 520 -3.26 -12.55 19.96
CA TYR C 520 -2.14 -12.69 19.06
C TYR C 520 -1.00 -11.75 19.40
N GLY C 521 -1.33 -10.52 19.79
CA GLY C 521 -0.28 -9.58 20.17
C GLY C 521 0.51 -10.21 21.32
N PHE C 522 -0.25 -10.74 22.28
CA PHE C 522 0.33 -11.40 23.44
C PHE C 522 1.21 -12.57 23.03
N LEU C 523 0.63 -13.48 22.25
CA LEU C 523 1.34 -14.66 21.80
C LEU C 523 2.62 -14.34 21.06
N TYR C 524 2.64 -13.21 20.37
CA TYR C 524 3.82 -12.82 19.60
C TYR C 524 4.73 -11.75 20.21
N GLY C 525 4.80 -11.72 21.54
CA GLY C 525 5.69 -10.81 22.24
C GLY C 525 5.36 -9.36 22.52
N ALA C 526 4.09 -8.97 22.50
CA ALA C 526 3.74 -7.59 22.79
C ALA C 526 4.11 -7.25 24.24
N GLY C 527 4.73 -6.08 24.44
CA GLY C 527 5.12 -5.65 25.78
C GLY C 527 3.91 -5.30 26.62
N ASP C 528 4.14 -5.02 27.91
CA ASP C 528 3.04 -4.67 28.81
C ASP C 528 2.30 -3.42 28.33
N GLU C 529 3.06 -2.41 27.92
CA GLU C 529 2.47 -1.17 27.45
C GLU C 529 1.64 -1.42 26.20
N LYS C 530 2.22 -2.15 25.26
CA LYS C 530 1.54 -2.46 24.01
C LYS C 530 0.23 -3.21 24.28
N ILE C 531 0.28 -4.19 25.17
CA ILE C 531 -0.92 -4.95 25.51
C ILE C 531 -1.97 -3.97 26.03
N GLY C 532 -1.56 -3.09 26.94
CA GLY C 532 -2.46 -2.10 27.49
C GLY C 532 -3.15 -1.30 26.40
N GLN C 533 -2.36 -0.82 25.46
CA GLN C 533 -2.89 -0.05 24.34
C GLN C 533 -3.97 -0.85 23.61
N ILE C 534 -3.63 -2.09 23.22
CA ILE C 534 -4.57 -2.96 22.51
C ILE C 534 -5.93 -3.06 23.20
N VAL C 535 -5.92 -3.29 24.52
CA VAL C 535 -7.18 -3.42 25.26
C VAL C 535 -7.70 -2.06 25.74
N GLY C 536 -6.97 -1.00 25.41
CA GLY C 536 -7.38 0.34 25.81
C GLY C 536 -7.21 0.63 27.28
N ALA C 537 -6.05 0.31 27.83
CA ALA C 537 -5.77 0.53 29.25
C ALA C 537 -4.30 0.85 29.46
N GLY C 538 -3.83 0.66 30.69
CA GLY C 538 -2.44 0.95 31.01
C GLY C 538 -1.50 -0.24 31.05
N LYS C 539 -0.21 0.04 31.11
CA LYS C 539 0.81 -1.00 31.15
C LYS C 539 0.63 -1.98 32.31
N GLU C 540 0.10 -1.50 33.42
CA GLU C 540 -0.12 -2.36 34.58
C GLU C 540 -1.19 -3.40 34.25
N ARG C 541 -2.22 -2.98 33.51
CA ARG C 541 -3.29 -3.88 33.10
C ARG C 541 -2.69 -4.86 32.10
N GLY C 542 -1.67 -4.40 31.38
CA GLY C 542 -0.99 -5.24 30.41
C GLY C 542 -0.24 -6.36 31.09
N LYS C 543 0.32 -6.07 32.27
CA LYS C 543 1.05 -7.08 33.03
C LYS C 543 0.08 -8.17 33.46
N GLU C 544 -1.00 -7.76 34.11
CA GLU C 544 -2.03 -8.68 34.60
C GLU C 544 -2.36 -9.71 33.53
N LEU C 545 -2.83 -9.23 32.39
CA LEU C 545 -3.21 -10.08 31.27
C LEU C 545 -2.09 -11.00 30.80
N LYS C 546 -0.89 -10.44 30.65
CA LYS C 546 0.27 -11.19 30.21
C LYS C 546 0.56 -12.43 31.07
N LYS C 547 0.62 -12.25 32.38
CA LYS C 547 0.90 -13.38 33.27
C LYS C 547 -0.33 -14.27 33.42
N LYS C 548 -1.50 -13.67 33.30
CA LYS C 548 -2.75 -14.42 33.43
C LYS C 548 -2.85 -15.50 32.36
N PHE C 549 -2.64 -15.14 31.10
CA PHE C 549 -2.73 -16.11 30.01
C PHE C 549 -1.46 -16.94 29.89
N LEU C 550 -0.33 -16.39 30.31
CA LEU C 550 0.91 -17.13 30.24
C LEU C 550 0.91 -18.27 31.28
N GLU C 551 0.44 -17.98 32.48
CA GLU C 551 0.38 -18.99 33.53
C GLU C 551 -0.70 -20.02 33.25
N ASN C 552 -1.74 -19.61 32.54
CA ASN C 552 -2.82 -20.53 32.20
C ASN C 552 -2.37 -21.54 31.15
N THR C 553 -1.22 -21.29 30.54
CA THR C 553 -0.66 -22.18 29.51
C THR C 553 0.85 -22.01 29.47
N PRO C 554 1.56 -22.57 30.47
CA PRO C 554 3.02 -22.49 30.53
C PRO C 554 3.78 -23.15 29.40
N ALA C 555 3.13 -24.07 28.69
CA ALA C 555 3.78 -24.76 27.58
C ALA C 555 4.18 -23.76 26.51
N ILE C 556 3.62 -22.56 26.57
CA ILE C 556 3.96 -21.52 25.61
C ILE C 556 5.43 -21.13 25.79
N ALA C 557 5.85 -21.03 27.04
CA ALA C 557 7.23 -20.68 27.35
C ALA C 557 8.15 -21.82 26.90
N ALA C 558 7.72 -23.05 27.15
CA ALA C 558 8.51 -24.22 26.78
C ALA C 558 8.77 -24.21 25.27
N LEU C 559 7.71 -24.00 24.50
CA LEU C 559 7.82 -23.96 23.04
C LEU C 559 8.81 -22.88 22.62
N ARG C 560 8.65 -21.69 23.20
CA ARG C 560 9.54 -20.57 22.91
C ARG C 560 11.01 -20.90 23.21
N GLU C 561 11.25 -21.51 24.36
CA GLU C 561 12.61 -21.87 24.76
C GLU C 561 13.19 -22.87 23.76
N SER C 562 12.38 -23.85 23.39
CA SER C 562 12.82 -24.89 22.47
C SER C 562 13.17 -24.28 21.11
N ILE C 563 12.33 -23.36 20.63
CA ILE C 563 12.58 -22.71 19.36
C ILE C 563 13.92 -21.99 19.45
N GLN C 564 14.12 -21.25 20.53
CA GLN C 564 15.35 -20.51 20.78
C GLN C 564 16.61 -21.38 20.78
N GLN C 565 16.58 -22.46 21.56
CA GLN C 565 17.72 -23.37 21.67
C GLN C 565 18.10 -23.99 20.34
N THR C 566 17.11 -24.16 19.46
CA THR C 566 17.34 -24.74 18.15
C THR C 566 17.98 -23.76 17.17
N LEU C 567 17.48 -22.53 17.18
CA LEU C 567 17.96 -21.49 16.25
C LEU C 567 19.14 -20.66 16.69
N VAL C 568 19.16 -20.23 17.94
CA VAL C 568 20.24 -19.39 18.45
C VAL C 568 21.28 -20.15 19.27
N GLU C 569 22.54 -19.75 19.16
CA GLU C 569 23.60 -20.38 19.94
C GLU C 569 24.34 -19.36 20.79
N LYS C 581 24.49 -14.90 17.16
CA LYS C 581 25.03 -15.96 16.29
C LYS C 581 23.96 -17.02 16.05
N TRP C 582 23.79 -17.41 14.79
CA TRP C 582 22.78 -18.39 14.43
C TRP C 582 23.28 -19.82 14.29
N LYS C 583 22.60 -20.72 14.99
CA LYS C 583 22.91 -22.14 14.93
C LYS C 583 22.29 -22.61 13.60
N ARG C 584 21.18 -21.97 13.23
CA ARG C 584 20.44 -22.23 11.99
C ARG C 584 19.45 -21.08 11.82
N ARG C 585 19.38 -20.49 10.64
CA ARG C 585 18.46 -19.37 10.47
C ARG C 585 17.17 -19.63 9.71
N TRP C 586 16.66 -20.86 9.77
CA TRP C 586 15.40 -21.17 9.11
C TRP C 586 14.67 -22.33 9.78
N ILE C 587 13.35 -22.27 9.72
CA ILE C 587 12.49 -23.28 10.28
C ILE C 587 12.04 -24.17 9.12
N LYS C 588 11.76 -25.44 9.40
CA LYS C 588 11.30 -26.38 8.40
C LYS C 588 9.79 -26.32 8.38
N GLY C 589 9.21 -25.85 7.26
CA GLY C 589 7.76 -25.74 7.16
C GLY C 589 7.04 -27.08 7.06
N LEU C 590 5.72 -27.06 7.23
CA LEU C 590 4.94 -28.29 7.16
C LEU C 590 5.22 -29.12 5.90
N ASP C 591 5.48 -28.47 4.78
CA ASP C 591 5.74 -29.19 3.54
C ASP C 591 7.23 -29.38 3.26
N GLY C 592 8.07 -29.14 4.26
CA GLY C 592 9.50 -29.32 4.11
C GLY C 592 10.36 -28.14 3.69
N ARG C 593 9.77 -27.05 3.21
CA ARG C 593 10.58 -25.92 2.78
C ARG C 593 11.33 -25.25 3.92
N LYS C 594 12.28 -24.38 3.55
CA LYS C 594 13.04 -23.64 4.53
C LYS C 594 12.27 -22.35 4.71
N VAL C 595 12.01 -21.96 5.95
CA VAL C 595 11.30 -20.72 6.21
C VAL C 595 12.25 -19.82 6.98
N HIS C 596 12.74 -18.78 6.29
CA HIS C 596 13.67 -17.84 6.88
C HIS C 596 13.17 -17.12 8.13
N VAL C 597 13.97 -17.16 9.20
CA VAL C 597 13.63 -16.48 10.45
C VAL C 597 14.39 -15.16 10.45
N ARG C 598 13.68 -14.06 10.71
CA ARG C 598 14.29 -12.73 10.74
C ARG C 598 14.83 -12.33 12.10
N SER C 599 14.12 -12.70 13.17
CA SER C 599 14.54 -12.35 14.52
C SER C 599 14.20 -13.44 15.52
N PRO C 600 15.07 -13.63 16.52
CA PRO C 600 14.78 -14.66 17.52
C PRO C 600 13.44 -14.36 18.19
N HIS C 601 13.15 -13.08 18.39
CA HIS C 601 11.91 -12.67 19.06
C HIS C 601 10.65 -12.85 18.21
N ALA C 602 10.83 -12.95 16.89
CA ALA C 602 9.69 -13.13 15.99
C ALA C 602 9.64 -14.56 15.47
N ALA C 603 10.49 -15.43 16.03
CA ALA C 603 10.57 -16.83 15.63
C ALA C 603 9.27 -17.63 15.81
N LEU C 604 8.61 -17.47 16.95
CA LEU C 604 7.37 -18.19 17.18
C LEU C 604 6.34 -17.77 16.14
N ASN C 605 6.30 -16.48 15.82
CA ASN C 605 5.36 -16.00 14.82
C ASN C 605 5.67 -16.65 13.48
N THR C 606 6.96 -16.74 13.15
CA THR C 606 7.38 -17.36 11.91
C THR C 606 6.85 -18.79 11.85
N LEU C 607 7.08 -19.55 12.92
CA LEU C 607 6.62 -20.93 12.98
C LEU C 607 5.11 -21.11 12.82
N LEU C 608 4.34 -20.31 13.55
CA LEU C 608 2.88 -20.41 13.50
C LEU C 608 2.20 -19.79 12.28
N GLN C 609 2.68 -18.62 11.85
CA GLN C 609 2.09 -17.97 10.68
C GLN C 609 2.38 -18.83 9.44
N SER C 610 3.58 -19.41 9.39
CA SER C 610 3.96 -20.25 8.25
C SER C 610 3.11 -21.52 8.20
N ALA C 611 2.99 -22.17 9.35
CA ALA C 611 2.18 -23.39 9.46
C ALA C 611 0.77 -23.04 8.99
N GLY C 612 0.21 -21.98 9.56
CA GLY C 612 -1.13 -21.55 9.20
C GLY C 612 -1.26 -21.21 7.71
N ALA C 613 -0.22 -20.57 7.16
CA ALA C 613 -0.21 -20.20 5.75
C ALA C 613 -0.13 -21.44 4.85
N LEU C 614 0.70 -22.41 5.22
CA LEU C 614 0.82 -23.61 4.40
C LEU C 614 -0.45 -24.46 4.48
N ILE C 615 -1.05 -24.50 5.66
CA ILE C 615 -2.28 -25.25 5.83
C ILE C 615 -3.35 -24.66 4.90
N CYS C 616 -3.49 -23.34 4.94
CA CYS C 616 -4.50 -22.68 4.10
C CYS C 616 -4.24 -22.80 2.61
N LYS C 617 -2.97 -22.85 2.23
CA LYS C 617 -2.61 -22.97 0.84
C LYS C 617 -2.99 -24.36 0.30
N LEU C 618 -2.61 -25.40 1.03
CA LEU C 618 -2.95 -26.75 0.60
C LEU C 618 -4.47 -26.85 0.64
N TRP C 619 -5.06 -26.15 1.61
CA TRP C 619 -6.50 -26.13 1.79
C TRP C 619 -7.30 -25.61 0.58
N ILE C 620 -6.95 -24.43 0.06
CA ILE C 620 -7.68 -23.89 -1.07
C ILE C 620 -7.50 -24.76 -2.30
N ILE C 621 -6.36 -25.42 -2.37
CA ILE C 621 -6.05 -26.31 -3.48
C ILE C 621 -6.92 -27.56 -3.40
N LYS C 622 -6.94 -28.16 -2.22
CA LYS C 622 -7.71 -29.38 -2.00
C LYS C 622 -9.19 -29.09 -2.15
N THR C 623 -9.60 -27.89 -1.76
CA THR C 623 -11.00 -27.53 -1.87
C THR C 623 -11.47 -27.55 -3.31
N GLU C 624 -10.75 -26.84 -4.18
CA GLU C 624 -11.14 -26.79 -5.59
C GLU C 624 -11.06 -28.16 -6.24
N GLU C 625 -10.03 -28.93 -5.90
CA GLU C 625 -9.84 -30.26 -6.44
C GLU C 625 -11.03 -31.16 -6.11
N MET C 626 -11.57 -31.01 -4.91
CA MET C 626 -12.70 -31.83 -4.51
C MET C 626 -13.99 -31.37 -5.21
N LEU C 627 -14.12 -30.06 -5.43
CA LEU C 627 -15.30 -29.54 -6.11
C LEU C 627 -15.35 -30.09 -7.54
N VAL C 628 -14.18 -30.13 -8.18
CA VAL C 628 -14.05 -30.62 -9.54
C VAL C 628 -14.23 -32.14 -9.62
N GLU C 629 -13.85 -32.85 -8.55
CA GLU C 629 -14.02 -34.30 -8.54
C GLU C 629 -15.49 -34.64 -8.39
N LYS C 630 -16.27 -33.68 -7.90
CA LYS C 630 -17.70 -33.87 -7.75
C LYS C 630 -18.40 -33.50 -9.05
N GLY C 631 -17.62 -33.02 -10.01
CA GLY C 631 -18.19 -32.64 -11.30
C GLY C 631 -18.44 -31.15 -11.51
N LEU C 632 -18.22 -30.34 -10.47
CA LEU C 632 -18.43 -28.91 -10.58
C LEU C 632 -17.35 -28.26 -11.44
N LYS C 633 -17.75 -27.27 -12.24
CA LYS C 633 -16.82 -26.58 -13.13
C LYS C 633 -16.41 -25.17 -12.66
N HIS C 634 -15.11 -24.92 -12.67
CA HIS C 634 -14.56 -23.64 -12.24
C HIS C 634 -14.59 -22.57 -13.33
N GLY C 635 -15.46 -21.57 -13.15
CA GLY C 635 -15.57 -20.48 -14.11
C GLY C 635 -16.95 -19.82 -14.13
N TRP C 636 -17.02 -18.59 -14.62
CA TRP C 636 -18.29 -17.87 -14.70
C TRP C 636 -19.24 -18.59 -15.66
N ASP C 637 -18.68 -19.37 -16.57
CA ASP C 637 -19.48 -20.12 -17.53
C ASP C 637 -19.62 -21.54 -16.99
N GLY C 638 -19.54 -21.67 -15.68
CA GLY C 638 -19.64 -22.96 -15.02
C GLY C 638 -20.51 -22.96 -13.78
N ASP C 639 -19.96 -23.44 -12.66
CA ASP C 639 -20.71 -23.53 -11.42
C ASP C 639 -20.20 -22.69 -10.25
N PHE C 640 -18.89 -22.47 -10.18
CA PHE C 640 -18.33 -21.68 -9.10
C PHE C 640 -17.09 -20.93 -9.59
N ALA C 641 -16.69 -19.92 -8.84
CA ALA C 641 -15.50 -19.14 -9.19
C ALA C 641 -14.86 -18.48 -7.97
N TYR C 642 -13.57 -18.77 -7.75
CA TYR C 642 -12.83 -18.15 -6.63
C TYR C 642 -12.75 -16.65 -6.94
N MET C 643 -13.13 -15.81 -5.99
CA MET C 643 -13.07 -14.36 -6.20
C MET C 643 -11.95 -13.74 -5.37
N ALA C 644 -11.66 -14.36 -4.22
CA ALA C 644 -10.61 -13.85 -3.35
C ALA C 644 -10.15 -14.84 -2.30
N TRP C 645 -8.89 -14.71 -1.94
CA TRP C 645 -8.27 -15.53 -0.91
C TRP C 645 -7.54 -14.56 0.02
N VAL C 646 -8.07 -14.42 1.23
CA VAL C 646 -7.49 -13.51 2.21
C VAL C 646 -6.88 -14.25 3.40
N HIS C 647 -5.70 -14.83 3.16
CA HIS C 647 -4.93 -15.59 4.15
C HIS C 647 -5.60 -16.90 4.59
N ASP C 648 -6.60 -16.83 5.46
CA ASP C 648 -7.27 -18.06 5.89
C ASP C 648 -8.75 -18.00 5.54
N GLU C 649 -9.06 -17.21 4.52
CA GLU C 649 -10.43 -17.00 4.07
C GLU C 649 -10.57 -17.03 2.55
N ILE C 650 -11.62 -17.67 2.07
CA ILE C 650 -11.88 -17.67 0.64
C ILE C 650 -13.31 -17.19 0.44
N GLN C 651 -13.54 -16.47 -0.64
CA GLN C 651 -14.87 -15.98 -0.99
C GLN C 651 -15.09 -16.55 -2.37
N VAL C 652 -16.13 -17.36 -2.52
CA VAL C 652 -16.42 -18.01 -3.79
C VAL C 652 -17.80 -17.71 -4.39
N GLY C 653 -17.80 -17.32 -5.66
CA GLY C 653 -19.05 -17.04 -6.35
C GLY C 653 -19.68 -18.35 -6.76
N CYS C 654 -20.99 -18.47 -6.58
CA CYS C 654 -21.68 -19.70 -6.92
C CYS C 654 -22.93 -19.45 -7.76
N ARG C 655 -23.07 -20.22 -8.83
CA ARG C 655 -24.21 -20.06 -9.73
C ARG C 655 -25.56 -20.25 -9.01
N THR C 656 -25.58 -21.08 -7.98
CA THR C 656 -26.82 -21.33 -7.23
C THR C 656 -26.56 -21.54 -5.74
N GLU C 657 -27.62 -21.47 -4.94
CA GLU C 657 -27.50 -21.65 -3.49
C GLU C 657 -27.11 -23.06 -3.13
N GLU C 658 -27.56 -24.02 -3.93
CA GLU C 658 -27.25 -25.42 -3.72
C GLU C 658 -25.74 -25.60 -3.87
N ILE C 659 -25.18 -24.95 -4.90
CA ILE C 659 -23.76 -25.02 -5.14
C ILE C 659 -22.99 -24.35 -4.01
N ALA C 660 -23.53 -23.24 -3.50
CA ALA C 660 -22.90 -22.53 -2.40
C ALA C 660 -22.86 -23.46 -1.17
N GLN C 661 -23.93 -24.22 -0.96
CA GLN C 661 -24.00 -25.15 0.17
C GLN C 661 -22.89 -26.20 0.03
N VAL C 662 -22.70 -26.73 -1.18
CA VAL C 662 -21.67 -27.74 -1.41
C VAL C 662 -20.25 -27.17 -1.24
N VAL C 663 -20.03 -25.93 -1.69
CA VAL C 663 -18.73 -25.30 -1.56
C VAL C 663 -18.36 -25.21 -0.09
N ILE C 664 -19.31 -24.77 0.73
CA ILE C 664 -19.10 -24.65 2.16
C ILE C 664 -18.77 -26.02 2.78
N GLU C 665 -19.59 -27.03 2.48
CA GLU C 665 -19.38 -28.38 3.02
C GLU C 665 -18.06 -28.97 2.54
N THR C 666 -17.75 -28.75 1.28
CA THR C 666 -16.53 -29.26 0.70
C THR C 666 -15.30 -28.60 1.32
N ALA C 667 -15.38 -27.29 1.54
CA ALA C 667 -14.27 -26.57 2.14
C ALA C 667 -13.93 -27.11 3.54
N GLN C 668 -14.95 -27.58 4.27
CA GLN C 668 -14.76 -28.14 5.60
C GLN C 668 -14.08 -29.51 5.52
N GLU C 669 -14.48 -30.30 4.53
CA GLU C 669 -13.89 -31.63 4.34
C GLU C 669 -12.41 -31.51 3.95
N ALA C 670 -12.11 -30.55 3.08
CA ALA C 670 -10.75 -30.33 2.63
C ALA C 670 -9.84 -29.95 3.80
N MET C 671 -10.36 -29.13 4.72
CA MET C 671 -9.59 -28.72 5.88
C MET C 671 -9.25 -29.91 6.79
N ARG C 672 -10.24 -30.77 7.05
CA ARG C 672 -10.02 -31.95 7.89
C ARG C 672 -9.00 -32.85 7.18
N TRP C 673 -9.07 -32.86 5.86
CA TRP C 673 -8.14 -33.64 5.05
C TRP C 673 -6.71 -33.10 5.21
N VAL C 674 -6.56 -31.79 5.13
CA VAL C 674 -5.23 -31.20 5.29
C VAL C 674 -4.68 -31.54 6.69
N GLY C 675 -5.50 -31.38 7.71
CA GLY C 675 -5.08 -31.69 9.07
C GLY C 675 -4.59 -33.13 9.23
N ASP C 676 -5.28 -34.05 8.58
CA ASP C 676 -4.92 -35.46 8.63
C ASP C 676 -3.66 -35.71 7.81
N HIS C 677 -3.60 -35.06 6.66
CA HIS C 677 -2.47 -35.19 5.74
C HIS C 677 -1.13 -34.89 6.43
N TRP C 678 -1.10 -33.89 7.29
CA TRP C 678 0.12 -33.53 7.99
C TRP C 678 0.12 -33.96 9.45
N ASN C 679 -0.65 -35.01 9.75
CA ASN C 679 -0.76 -35.56 11.10
C ASN C 679 -0.81 -34.46 12.16
N PHE C 680 -1.61 -33.44 11.91
CA PHE C 680 -1.70 -32.32 12.85
C PHE C 680 -2.23 -32.76 14.21
N ARG C 681 -1.60 -32.26 15.25
CA ARG C 681 -1.95 -32.59 16.63
C ARG C 681 -3.13 -31.81 17.20
N CYS C 682 -3.79 -31.00 16.37
CA CYS C 682 -4.97 -30.25 16.81
C CYS C 682 -5.97 -30.32 15.67
N LEU C 683 -7.20 -30.64 15.99
CA LEU C 683 -8.27 -30.74 14.99
C LEU C 683 -8.47 -29.38 14.28
N LEU C 684 -8.65 -29.41 12.97
CA LEU C 684 -8.84 -28.16 12.21
C LEU C 684 -10.28 -27.94 11.74
N ASP C 685 -10.75 -26.70 11.80
CA ASP C 685 -12.12 -26.38 11.38
C ASP C 685 -12.26 -25.13 10.53
N THR C 686 -13.47 -24.95 9.99
CA THR C 686 -13.81 -23.80 9.17
C THR C 686 -15.24 -23.40 9.47
N GLU C 687 -15.55 -22.13 9.22
CA GLU C 687 -16.89 -21.60 9.42
C GLU C 687 -17.29 -21.02 8.07
N GLY C 688 -18.46 -21.40 7.58
CA GLY C 688 -18.91 -20.91 6.30
C GLY C 688 -20.16 -20.05 6.36
N LYS C 689 -20.28 -19.14 5.39
CA LYS C 689 -21.44 -18.25 5.31
C LYS C 689 -21.88 -18.08 3.87
N MET C 690 -23.20 -18.08 3.66
CA MET C 690 -23.77 -17.91 2.34
C MET C 690 -24.51 -16.57 2.30
N GLY C 691 -24.33 -15.82 1.22
CA GLY C 691 -24.99 -14.54 1.11
C GLY C 691 -24.72 -13.90 -0.23
N PRO C 692 -25.18 -12.67 -0.46
CA PRO C 692 -24.96 -11.98 -1.74
C PRO C 692 -23.62 -11.23 -1.87
N ASN C 693 -23.02 -10.85 -0.74
CA ASN C 693 -21.76 -10.10 -0.80
C ASN C 693 -20.81 -10.31 0.38
N TRP C 694 -19.66 -9.63 0.32
CA TRP C 694 -18.64 -9.76 1.36
C TRP C 694 -19.11 -9.20 2.71
N ALA C 695 -20.06 -8.27 2.70
CA ALA C 695 -20.55 -7.69 3.95
C ALA C 695 -21.28 -8.75 4.77
N ILE C 696 -21.99 -9.63 4.08
CA ILE C 696 -22.74 -10.69 4.73
C ILE C 696 -21.94 -11.99 4.89
N CYS C 697 -21.02 -12.25 3.97
CA CYS C 697 -20.25 -13.49 4.05
C CYS C 697 -18.94 -13.45 4.83
N HIS C 698 -18.82 -12.52 5.78
CA HIS C 698 -17.60 -12.44 6.60
C HIS C 698 -17.83 -11.57 7.81
N LYS D 3 3.31 56.73 19.58
CA LYS D 3 3.17 57.52 18.32
C LYS D 3 2.73 56.66 17.13
N ILE D 4 2.95 55.35 17.23
CA ILE D 4 2.56 54.45 16.16
C ILE D 4 1.20 53.80 16.43
N ILE D 5 0.46 53.56 15.36
CA ILE D 5 -0.86 52.95 15.46
C ILE D 5 -0.79 51.44 15.22
N HIS D 6 -1.13 50.68 16.25
CA HIS D 6 -1.12 49.23 16.19
C HIS D 6 -2.52 48.74 15.80
N LEU D 7 -2.63 48.28 14.55
CA LEU D 7 -3.89 47.81 13.99
C LEU D 7 -4.24 46.37 14.36
N THR D 8 -5.52 46.04 14.18
CA THR D 8 -6.00 44.67 14.42
C THR D 8 -6.81 44.41 13.18
N ASP D 9 -7.15 43.15 12.92
CA ASP D 9 -7.96 42.85 11.75
C ASP D 9 -9.29 43.62 11.82
N ASP D 10 -9.89 43.65 13.01
CA ASP D 10 -11.18 44.32 13.19
C ASP D 10 -11.16 45.84 13.20
N SER D 11 -10.00 46.45 13.44
CA SER D 11 -9.93 47.91 13.47
C SER D 11 -9.38 48.48 12.17
N PHE D 12 -8.95 47.61 11.26
CA PHE D 12 -8.36 48.06 10.00
C PHE D 12 -9.21 48.99 9.16
N ASP D 13 -10.43 48.56 8.85
CA ASP D 13 -11.32 49.36 8.03
C ASP D 13 -11.46 50.81 8.51
N THR D 14 -11.95 51.00 9.74
CA THR D 14 -12.12 52.37 10.24
C THR D 14 -10.81 53.13 10.51
N ASP D 15 -9.75 52.43 10.89
CA ASP D 15 -8.47 53.09 11.16
C ASP D 15 -7.65 53.43 9.92
N VAL D 16 -7.81 52.65 8.85
CA VAL D 16 -7.05 52.90 7.64
C VAL D 16 -7.91 53.33 6.46
N LEU D 17 -8.82 52.45 6.04
CA LEU D 17 -9.69 52.71 4.90
C LEU D 17 -10.64 53.91 5.02
N LYS D 18 -10.79 54.47 6.21
CA LYS D 18 -11.68 55.60 6.39
C LYS D 18 -10.99 56.77 7.08
N ALA D 19 -9.72 56.62 7.41
CA ALA D 19 -8.99 57.68 8.09
C ALA D 19 -8.81 58.91 7.24
N ASP D 20 -9.19 58.81 5.97
CA ASP D 20 -9.08 59.93 5.02
C ASP D 20 -7.91 60.86 5.38
N GLY D 21 -6.75 60.51 4.83
CA GLY D 21 -5.52 61.26 5.07
C GLY D 21 -4.41 60.32 4.64
N ALA D 22 -3.16 60.64 4.98
CA ALA D 22 -2.06 59.76 4.60
C ALA D 22 -1.72 58.76 5.71
N ILE D 23 -1.81 57.47 5.37
CA ILE D 23 -1.52 56.41 6.34
C ILE D 23 -0.54 55.38 5.78
N LEU D 24 0.60 55.22 6.44
CA LEU D 24 1.58 54.23 6.01
C LEU D 24 1.41 52.97 6.84
N VAL D 25 1.03 51.87 6.21
CA VAL D 25 0.83 50.60 6.92
C VAL D 25 1.98 49.64 6.71
N ASP D 26 2.46 49.07 7.80
CA ASP D 26 3.55 48.11 7.74
C ASP D 26 3.12 46.71 8.19
N PHE D 27 3.03 45.79 7.23
CA PHE D 27 2.67 44.41 7.53
C PHE D 27 3.95 43.66 7.91
N TRP D 28 4.01 43.17 9.14
CA TRP D 28 5.20 42.50 9.61
C TRP D 28 4.93 41.25 10.46
N ALA D 29 6.01 40.54 10.79
CA ALA D 29 5.96 39.32 11.61
C ALA D 29 7.22 39.32 12.46
N GLU D 30 7.12 38.86 13.70
CA GLU D 30 8.26 38.85 14.62
C GLU D 30 9.46 38.02 14.15
N TRP D 31 9.20 36.98 13.36
CA TRP D 31 10.28 36.11 12.89
C TRP D 31 10.97 36.58 11.61
N CYS D 32 10.74 37.82 11.23
CA CYS D 32 11.34 38.34 10.01
C CYS D 32 12.50 39.30 10.28
N GLY D 33 13.68 38.99 9.76
CA GLY D 33 14.84 39.83 9.94
C GLY D 33 14.62 41.25 9.43
N PRO D 34 14.28 41.41 8.14
CA PRO D 34 14.05 42.74 7.57
C PRO D 34 13.02 43.54 8.38
N CYS D 35 11.95 42.87 8.81
CA CYS D 35 10.90 43.53 9.59
C CYS D 35 11.50 44.12 10.86
N LYS D 36 12.40 43.38 11.49
CA LYS D 36 13.06 43.85 12.69
C LYS D 36 13.99 45.01 12.36
N MET D 37 14.43 45.08 11.10
CA MET D 37 15.33 46.12 10.64
C MET D 37 14.66 47.49 10.46
N ILE D 38 13.58 47.54 9.69
CA ILE D 38 12.89 48.79 9.43
C ILE D 38 12.05 49.29 10.60
N ALA D 39 11.90 48.45 11.63
CA ALA D 39 11.11 48.81 12.81
C ALA D 39 11.60 50.11 13.46
N PRO D 40 12.89 50.18 13.84
CA PRO D 40 13.42 51.39 14.46
C PRO D 40 13.21 52.61 13.56
N ILE D 41 13.35 52.40 12.25
CA ILE D 41 13.19 53.47 11.30
C ILE D 41 11.78 54.06 11.36
N LEU D 42 10.79 53.18 11.50
CA LEU D 42 9.39 53.59 11.56
C LEU D 42 9.05 54.42 12.81
N ASP D 43 9.72 54.12 13.92
CA ASP D 43 9.47 54.85 15.16
C ASP D 43 9.87 56.32 15.00
N GLU D 44 10.91 56.56 14.20
CA GLU D 44 11.41 57.90 13.97
C GLU D 44 10.59 58.63 12.92
N ILE D 45 10.25 57.93 11.85
CA ILE D 45 9.44 58.52 10.80
C ILE D 45 8.14 59.03 11.42
N ALA D 46 7.59 58.22 12.34
CA ALA D 46 6.35 58.56 13.02
C ALA D 46 6.28 60.00 13.52
N ASP D 47 7.07 60.35 14.53
CA ASP D 47 7.02 61.71 15.06
C ASP D 47 7.54 62.79 14.11
N GLU D 48 8.45 62.41 13.21
CA GLU D 48 9.00 63.37 12.24
C GLU D 48 7.95 63.82 11.22
N TYR D 49 7.03 62.92 10.86
CA TYR D 49 5.98 63.25 9.90
C TYR D 49 4.66 63.48 10.61
N GLN D 50 4.75 63.53 11.94
CA GLN D 50 3.59 63.75 12.79
C GLN D 50 2.90 65.04 12.35
N GLY D 51 1.82 64.88 11.59
CA GLY D 51 1.10 66.04 11.10
C GLY D 51 0.71 65.85 9.64
N LYS D 52 1.62 65.28 8.86
CA LYS D 52 1.35 65.05 7.44
C LYS D 52 1.24 63.56 7.11
N LEU D 53 1.34 62.72 8.13
CA LEU D 53 1.25 61.28 7.93
C LEU D 53 1.03 60.51 9.22
N THR D 54 0.44 59.33 9.10
CA THR D 54 0.19 58.45 10.24
C THR D 54 0.84 57.10 9.97
N VAL D 55 1.61 56.60 10.94
CA VAL D 55 2.29 55.31 10.81
C VAL D 55 1.56 54.22 11.60
N ALA D 56 1.08 53.21 10.87
CA ALA D 56 0.35 52.10 11.46
C ALA D 56 1.05 50.77 11.17
N LYS D 57 1.00 49.85 12.13
CA LYS D 57 1.62 48.53 11.99
C LYS D 57 0.61 47.43 12.27
N LEU D 58 0.71 46.36 11.49
CA LEU D 58 -0.17 45.21 11.63
C LEU D 58 0.63 43.91 11.61
N ASN D 59 0.70 43.24 12.75
CA ASN D 59 1.40 41.97 12.83
C ASN D 59 0.53 40.94 12.12
N ILE D 60 1.02 40.36 11.03
CA ILE D 60 0.25 39.39 10.26
C ILE D 60 -0.04 38.06 10.94
N ASP D 61 0.68 37.75 12.02
CA ASP D 61 0.43 36.51 12.74
C ASP D 61 -0.79 36.67 13.67
N GLN D 62 -0.91 37.83 14.32
CA GLN D 62 -2.03 38.09 15.22
C GLN D 62 -3.28 38.49 14.43
N ASN D 63 -3.06 39.06 13.25
CA ASN D 63 -4.15 39.50 12.39
C ASN D 63 -3.95 38.91 11.00
N PRO D 64 -4.38 37.65 10.81
CA PRO D 64 -4.27 36.90 9.56
C PRO D 64 -5.28 37.17 8.45
N GLY D 65 -6.25 38.04 8.70
CA GLY D 65 -7.25 38.27 7.68
C GLY D 65 -7.08 39.44 6.74
N THR D 66 -6.25 40.41 7.13
CA THR D 66 -6.05 41.60 6.32
C THR D 66 -5.03 41.50 5.18
N ALA D 67 -3.83 41.03 5.47
CA ALA D 67 -2.79 40.94 4.45
C ALA D 67 -3.20 40.23 3.15
N PRO D 68 -3.86 39.06 3.25
CA PRO D 68 -4.26 38.35 2.03
C PRO D 68 -5.08 39.19 1.05
N LYS D 69 -5.91 40.08 1.58
CA LYS D 69 -6.74 40.92 0.73
C LYS D 69 -5.89 41.89 -0.08
N TYR D 70 -4.60 41.99 0.26
CA TYR D 70 -3.69 42.89 -0.44
C TYR D 70 -2.58 42.16 -1.20
N GLY D 71 -2.70 40.83 -1.28
CA GLY D 71 -1.73 40.03 -1.99
C GLY D 71 -0.30 40.03 -1.47
N ILE D 72 -0.13 40.20 -0.17
CA ILE D 72 1.19 40.19 0.43
C ILE D 72 1.97 38.98 -0.09
N ARG D 73 3.21 39.22 -0.50
CA ARG D 73 4.05 38.15 -1.03
C ARG D 73 5.41 38.13 -0.33
N GLY D 74 5.68 39.18 0.43
CA GLY D 74 6.93 39.27 1.17
C GLY D 74 6.78 40.33 2.24
N ILE D 75 7.67 40.33 3.23
CA ILE D 75 7.61 41.31 4.30
C ILE D 75 8.99 41.86 4.63
N PRO D 76 9.04 43.07 5.20
CA PRO D 76 7.88 43.89 5.54
C PRO D 76 7.27 44.58 4.32
N THR D 77 5.94 44.65 4.26
CA THR D 77 5.29 45.32 3.16
C THR D 77 4.77 46.68 3.63
N LEU D 78 5.15 47.72 2.90
CA LEU D 78 4.76 49.08 3.23
C LEU D 78 3.70 49.60 2.27
N LEU D 79 2.49 49.82 2.78
CA LEU D 79 1.40 50.33 1.97
C LEU D 79 0.97 51.70 2.45
N LEU D 80 1.03 52.69 1.56
CA LEU D 80 0.63 54.04 1.90
C LEU D 80 -0.76 54.24 1.33
N PHE D 81 -1.76 54.27 2.21
CA PHE D 81 -3.14 54.46 1.81
C PHE D 81 -3.52 55.94 1.77
N LYS D 82 -4.52 56.26 0.96
CA LYS D 82 -5.02 57.61 0.81
C LYS D 82 -6.51 57.51 0.48
N ASN D 83 -7.35 58.02 1.37
CA ASN D 83 -8.79 57.96 1.19
C ASN D 83 -9.24 56.53 0.96
N GLY D 84 -8.82 55.65 1.87
CA GLY D 84 -9.18 54.25 1.80
C GLY D 84 -8.65 53.44 0.65
N GLU D 85 -7.67 53.97 -0.07
CA GLU D 85 -7.10 53.25 -1.21
C GLU D 85 -5.59 53.29 -1.22
N VAL D 86 -4.98 52.24 -1.76
CA VAL D 86 -3.52 52.18 -1.84
C VAL D 86 -3.00 53.15 -2.90
N ALA D 87 -2.14 54.06 -2.47
CA ALA D 87 -1.58 55.05 -3.36
C ALA D 87 -0.15 54.70 -3.79
N ALA D 88 0.50 53.84 -3.03
CA ALA D 88 1.87 53.42 -3.33
C ALA D 88 2.32 52.33 -2.37
N THR D 89 3.17 51.42 -2.87
CA THR D 89 3.67 50.33 -2.06
C THR D 89 5.14 50.03 -2.26
N LYS D 90 5.78 49.53 -1.20
CA LYS D 90 7.19 49.18 -1.23
C LYS D 90 7.45 48.00 -0.29
N VAL D 91 8.25 47.03 -0.74
CA VAL D 91 8.55 45.85 0.06
C VAL D 91 10.04 45.77 0.40
N GLY D 92 10.35 45.48 1.67
CA GLY D 92 11.73 45.38 2.09
C GLY D 92 12.14 46.42 3.11
N ALA D 93 13.26 46.17 3.78
CA ALA D 93 13.78 47.06 4.81
C ALA D 93 14.54 48.24 4.20
N LEU D 94 13.86 49.35 4.01
CA LEU D 94 14.48 50.55 3.46
C LEU D 94 15.17 51.33 4.57
N SER D 95 16.25 52.00 4.23
CA SER D 95 16.99 52.82 5.18
C SER D 95 16.09 54.02 5.45
N LYS D 96 16.40 54.78 6.50
CA LYS D 96 15.58 55.96 6.81
C LYS D 96 15.59 56.93 5.65
N GLY D 97 16.74 57.05 5.00
CA GLY D 97 16.87 57.95 3.87
C GLY D 97 15.89 57.63 2.76
N GLN D 98 15.89 56.37 2.32
CA GLN D 98 15.00 55.94 1.25
C GLN D 98 13.53 56.12 1.62
N LEU D 99 13.19 55.84 2.88
CA LEU D 99 11.80 55.98 3.31
C LEU D 99 11.39 57.44 3.20
N LYS D 100 12.21 58.34 3.74
CA LYS D 100 11.89 59.76 3.68
C LYS D 100 11.64 60.18 2.24
N GLU D 101 12.40 59.60 1.32
CA GLU D 101 12.24 59.92 -0.11
C GLU D 101 10.86 59.47 -0.58
N PHE D 102 10.57 58.19 -0.35
CA PHE D 102 9.30 57.57 -0.72
C PHE D 102 8.10 58.37 -0.21
N LEU D 103 8.18 58.78 1.05
CA LEU D 103 7.11 59.55 1.67
C LEU D 103 6.99 60.98 1.12
N ASP D 104 8.11 61.70 1.07
CA ASP D 104 8.08 63.07 0.55
C ASP D 104 7.58 63.04 -0.89
N ALA D 105 8.05 62.06 -1.65
CA ALA D 105 7.66 61.92 -3.06
C ALA D 105 6.19 61.57 -3.25
N ASN D 106 5.62 60.88 -2.27
CA ASN D 106 4.23 60.46 -2.36
C ASN D 106 3.24 61.35 -1.61
N LEU D 107 3.78 62.30 -0.86
CA LEU D 107 2.99 63.25 -0.09
C LEU D 107 2.93 64.58 -0.87
MG MG E . -10.13 -17.39 10.67
MG MG F . -9.96 -14.55 8.27
MG MG G . 7.74 -13.47 -20.72
PG DAD H . -11.56 -16.75 13.61
O1G DAD H . -11.72 -16.69 12.16
O2G DAD H . -11.81 -18.03 14.33
O3G DAD H . -12.48 -15.66 14.15
PB DAD H . -8.65 -16.56 13.63
O1B DAD H . -7.91 -16.86 14.87
O2B DAD H . -8.65 -17.55 12.53
O3B DAD H . -10.14 -16.16 14.03
PA DAD H . -8.40 -14.39 11.71
O1A DAD H . -9.17 -15.25 10.79
O2A DAD H . -8.91 -13.03 12.04
O3A DAD H . -8.13 -15.16 13.08
O5' DAD H . -6.91 -14.24 11.18
C5' DAD H . -6.21 -15.35 10.61
C4' DAD H . -4.84 -15.49 11.25
O4' DAD H . -4.07 -14.28 11.05
C3' DAD H . -4.85 -15.69 12.76
C2' DAD H . -3.45 -15.21 13.14
C1' DAD H . -3.24 -14.04 12.18
N9 DAD H . -3.60 -12.76 12.77
C8 DAD H . -4.85 -12.15 12.84
N7 DAD H . -4.84 -11.01 13.49
C5 DAD H . -3.52 -10.85 13.88
C6 DAD H . -2.86 -9.85 14.61
N6 DAD H . -3.47 -8.78 15.13
N1 DAD H . -1.53 -9.99 14.82
C2 DAD H . -0.92 -11.06 14.31
N3 DAD H . -1.43 -12.07 13.61
C4 DAD H . -2.74 -11.90 13.43
#